data_8SFX
#
_entry.id   8SFX
#
_cell.length_a   111.122
_cell.length_b   111.122
_cell.length_c   194.203
_cell.angle_alpha   90.00
_cell.angle_beta   90.00
_cell.angle_gamma   90.00
#
_symmetry.space_group_name_H-M   'I 41'
#
loop_
_entity.id
_entity.type
_entity.pdbx_description
1 polymer 'Green fluorescent protein'
2 polymer LaG21
3 non-polymer GLYCEROL
4 non-polymer D-MALATE
5 non-polymer 'SODIUM ION'
6 non-polymer 'PHOSPHATE ION'
7 water water
#
loop_
_entity_poly.entity_id
_entity_poly.type
_entity_poly.pdbx_seq_one_letter_code
_entity_poly.pdbx_strand_id
1 'polypeptide(L)'
;MASKGEELFTGVVPILVELDGDVNGHKFSVSGEGEGDATYGKLTLKFICTTGKLPVPWPTLVTTF(CR2)VQCFARYPDH
MKQHDFFKSAMPEGYVQERTIFFKDDGNYKTRAEVKFEGDTLVNRIELKGIDFKEDGNILGHKLEYNYNSHNVYIMADKQ
KNGIKVNFKIRHNIEDGSVHLADHYQQNTPIGDGPVLLPDNHYLSTQSALSKDPNEKRDHMVLLEFVTAAGITHGMDELY
KGLEVLFQGPSHHHHHH
;
A,B
2 'polypeptide(L)'
;GSMAQVQLVESGGGLVQAGGSLRLSCAASGPTGAMAWFRQAPGMEREFVGGISGSETDTYYADFVKGRLTVDRDNVKNTV
DLQMNSLKPEDTAVYYCAARRRVTLFTSRADYDFWGQGTQVTVSGLEVLFQGPSLEHHHHHH
;
D,C
#
# COMPACT_ATOMS: atom_id res chain seq x y z
N SER A 3 -44.80 13.72 -10.65
CA SER A 3 -45.11 12.29 -10.64
C SER A 3 -44.61 11.60 -9.36
N LYS A 4 -44.49 10.27 -9.42
CA LYS A 4 -44.10 9.50 -8.24
C LYS A 4 -42.63 9.69 -7.91
N GLY A 5 -41.74 9.39 -8.86
CA GLY A 5 -40.32 9.48 -8.56
C GLY A 5 -39.91 10.89 -8.13
N GLU A 6 -40.39 11.90 -8.85
CA GLU A 6 -39.95 13.26 -8.56
C GLU A 6 -40.55 13.78 -7.25
N GLU A 7 -41.71 13.28 -6.85
CA GLU A 7 -42.32 13.72 -5.60
C GLU A 7 -41.51 13.30 -4.38
N LEU A 8 -40.68 12.27 -4.51
CA LEU A 8 -39.81 11.87 -3.42
C LEU A 8 -38.72 12.91 -3.11
N PHE A 9 -38.55 13.92 -3.96
CA PHE A 9 -37.44 14.84 -3.90
C PHE A 9 -37.86 16.28 -3.70
N THR A 10 -39.13 16.50 -3.33
CA THR A 10 -39.63 17.85 -3.14
C THR A 10 -39.01 18.57 -1.96
N GLY A 11 -38.50 17.84 -0.96
CA GLY A 11 -37.91 18.44 0.22
C GLY A 11 -36.52 17.90 0.51
N VAL A 12 -36.08 18.00 1.73
CA VAL A 12 -34.77 17.50 2.14
C VAL A 12 -34.83 16.00 2.33
N VAL A 13 -33.84 15.29 1.79
CA VAL A 13 -33.80 13.84 1.84
C VAL A 13 -32.49 13.37 2.45
N PRO A 14 -32.53 12.56 3.50
CA PRO A 14 -31.26 12.06 4.06
C PRO A 14 -30.56 11.13 3.09
N ILE A 15 -29.22 11.10 3.20
CA ILE A 15 -28.40 10.32 2.32
C ILE A 15 -27.43 9.50 3.16
N LEU A 16 -27.22 8.24 2.75
CA LEU A 16 -26.17 7.37 3.27
C LEU A 16 -25.29 6.90 2.12
N VAL A 17 -23.97 6.92 2.32
CA VAL A 17 -23.01 6.48 1.33
C VAL A 17 -22.10 5.44 1.98
N GLU A 18 -21.95 4.29 1.31
CA GLU A 18 -21.10 3.19 1.80
C GLU A 18 -20.26 2.74 0.62
N LEU A 19 -18.93 2.73 0.79
CA LEU A 19 -18.03 2.32 -0.27
C LEU A 19 -17.00 1.32 0.26
N ASP A 20 -16.80 0.25 -0.49
CA ASP A 20 -15.66 -0.66 -0.30
C ASP A 20 -14.76 -0.53 -1.50
N GLY A 21 -13.47 -0.29 -1.27
CA GLY A 21 -12.54 -0.05 -2.33
C GLY A 21 -11.33 -0.97 -2.22
N ASP A 22 -10.65 -1.12 -3.35
CA ASP A 22 -9.42 -1.88 -3.48
C ASP A 22 -8.66 -1.24 -4.63
N VAL A 23 -7.61 -0.50 -4.32
CA VAL A 23 -6.80 0.18 -5.31
C VAL A 23 -5.40 -0.42 -5.20
N ASN A 24 -4.97 -1.13 -6.24
CA ASN A 24 -3.65 -1.78 -6.26
C ASN A 24 -3.46 -2.68 -5.05
N GLY A 25 -4.51 -3.41 -4.67
CA GLY A 25 -4.46 -4.29 -3.54
C GLY A 25 -4.64 -3.66 -2.19
N HIS A 26 -4.58 -2.32 -2.12
CA HIS A 26 -4.78 -1.59 -0.86
C HIS A 26 -6.29 -1.44 -0.60
N LYS A 27 -6.78 -2.17 0.39
CA LYS A 27 -8.21 -2.20 0.67
C LYS A 27 -8.61 -1.14 1.70
N PHE A 28 -9.85 -0.67 1.58
CA PHE A 28 -10.37 0.39 2.46
C PHE A 28 -11.87 0.47 2.33
N SER A 29 -12.51 1.11 3.32
CA SER A 29 -13.95 1.33 3.33
C SER A 29 -14.21 2.76 3.78
N VAL A 30 -15.27 3.38 3.19
CA VAL A 30 -15.69 4.72 3.54
C VAL A 30 -17.18 4.71 3.86
N SER A 31 -17.56 5.44 4.91
CA SER A 31 -18.97 5.68 5.23
C SER A 31 -19.21 7.19 5.23
N GLY A 32 -20.35 7.58 4.68
CA GLY A 32 -20.69 8.98 4.59
C GLY A 32 -22.17 9.18 4.82
N GLU A 33 -22.50 10.41 5.26
CA GLU A 33 -23.90 10.76 5.42
C GLU A 33 -24.06 12.25 5.28
N GLY A 34 -25.25 12.64 4.92
CA GLY A 34 -25.64 14.04 4.82
C GLY A 34 -27.05 14.10 4.31
N GLU A 35 -27.34 15.07 3.41
CA GLU A 35 -28.68 15.24 2.87
C GLU A 35 -28.60 15.92 1.52
N GLY A 36 -29.64 15.70 0.71
CA GLY A 36 -29.77 16.37 -0.57
C GLY A 36 -31.09 17.11 -0.63
N ASP A 37 -31.11 18.16 -1.44
CA ASP A 37 -32.33 18.98 -1.66
C ASP A 37 -32.36 19.35 -3.13
N ALA A 38 -33.08 18.57 -3.93
CA ALA A 38 -33.12 18.79 -5.35
C ALA A 38 -33.83 20.06 -5.74
N THR A 39 -34.64 20.65 -4.84
CA THR A 39 -35.25 21.93 -5.20
C THR A 39 -34.17 23.02 -5.35
N TYR A 40 -33.06 22.91 -4.62
CA TYR A 40 -31.91 23.79 -4.78
C TYR A 40 -30.80 23.15 -5.59
N GLY A 41 -30.90 21.86 -5.90
CA GLY A 41 -29.81 21.17 -6.55
C GLY A 41 -28.59 21.03 -5.64
N LYS A 42 -28.80 20.83 -4.35
CA LYS A 42 -27.75 20.95 -3.37
C LYS A 42 -27.53 19.63 -2.63
N LEU A 43 -26.26 19.30 -2.42
CA LEU A 43 -25.83 18.07 -1.76
C LEU A 43 -24.81 18.46 -0.71
N THR A 44 -24.96 17.91 0.52
CA THR A 44 -24.00 18.11 1.58
C THR A 44 -23.68 16.77 2.23
N LEU A 45 -22.40 16.41 2.33
CA LEU A 45 -22.04 15.11 2.85
C LEU A 45 -20.75 15.20 3.63
N LYS A 46 -20.63 14.34 4.65
CA LYS A 46 -19.37 14.10 5.35
C LYS A 46 -19.03 12.61 5.30
N PHE A 47 -17.79 12.29 4.95
CA PHE A 47 -17.30 10.91 4.85
C PHE A 47 -16.17 10.70 5.82
N ILE A 48 -16.04 9.47 6.31
CA ILE A 48 -14.87 9.06 7.06
C ILE A 48 -14.35 7.76 6.47
N CYS A 49 -13.03 7.59 6.47
CA CYS A 49 -12.45 6.27 6.16
C CYS A 49 -12.46 5.47 7.45
N THR A 50 -13.30 4.41 7.49
CA THR A 50 -13.47 3.62 8.71
C THR A 50 -12.35 2.58 8.94
N THR A 51 -11.47 2.38 7.98
CA THR A 51 -10.38 1.42 8.08
C THR A 51 -9.04 2.10 8.31
N GLY A 52 -9.02 3.43 8.43
CA GLY A 52 -7.78 4.10 8.75
C GLY A 52 -7.51 5.30 7.90
N LYS A 53 -6.31 5.35 7.35
CA LYS A 53 -5.97 6.38 6.38
C LYS A 53 -6.49 5.95 5.02
N LEU A 54 -7.08 6.90 4.30
CA LEU A 54 -7.52 6.61 2.93
C LEU A 54 -6.28 6.49 2.05
N PRO A 55 -6.15 5.41 1.26
CA PRO A 55 -4.92 5.22 0.45
C PRO A 55 -4.82 6.02 -0.81
N VAL A 56 -5.87 6.77 -1.17
CA VAL A 56 -5.85 7.66 -2.33
C VAL A 56 -6.30 9.04 -1.88
N PRO A 57 -6.07 10.06 -2.69
CA PRO A 57 -6.53 11.40 -2.32
C PRO A 57 -8.07 11.45 -2.31
N TRP A 58 -8.61 12.18 -1.35
CA TRP A 58 -10.06 12.28 -1.24
C TRP A 58 -10.68 12.84 -2.52
N PRO A 59 -10.09 13.82 -3.20
CA PRO A 59 -10.75 14.39 -4.40
C PRO A 59 -10.99 13.40 -5.48
N THR A 60 -10.21 12.33 -5.56
CA THR A 60 -10.39 11.34 -6.63
C THR A 60 -11.62 10.48 -6.43
N LEU A 61 -12.23 10.51 -5.24
CA LEU A 61 -13.46 9.77 -4.99
C LEU A 61 -14.74 10.62 -5.02
N VAL A 62 -14.63 11.91 -5.26
CA VAL A 62 -15.79 12.80 -5.18
C VAL A 62 -16.90 12.32 -6.11
N THR A 63 -16.58 12.08 -7.39
CA THR A 63 -17.62 11.69 -8.36
C THR A 63 -18.25 10.36 -7.98
N THR A 64 -17.49 9.48 -7.33
CA THR A 64 -18.05 8.19 -6.94
C THR A 64 -19.03 8.32 -5.79
N PHE A 65 -18.67 9.12 -4.78
CA PHE A 65 -19.55 9.35 -3.64
C PHE A 65 -20.81 10.10 -4.05
N VAL A 67 -24.80 10.92 -6.55
CA VAL A 67 -26.28 10.85 -6.33
C VAL A 67 -26.95 11.94 -7.09
N GLN A 68 -26.87 11.84 -8.41
CA GLN A 68 -27.31 12.85 -9.36
C GLN A 68 -28.83 12.96 -9.44
N CYS A 69 -29.57 12.08 -8.76
CA CYS A 69 -30.99 12.33 -8.53
C CYS A 69 -31.25 13.62 -7.74
N PHE A 70 -30.25 14.21 -7.10
CA PHE A 70 -30.45 15.47 -6.39
C PHE A 70 -30.15 16.71 -7.27
N ALA A 71 -29.89 16.52 -8.55
CA ALA A 71 -29.80 17.67 -9.44
C ALA A 71 -31.10 18.45 -9.45
N ARG A 72 -30.97 19.76 -9.61
CA ARG A 72 -32.13 20.60 -9.91
C ARG A 72 -32.40 20.55 -11.40
N TYR A 73 -33.55 20.01 -11.79
CA TYR A 73 -33.96 20.05 -13.18
C TYR A 73 -34.99 21.17 -13.30
N PRO A 74 -34.78 22.16 -14.17
CA PRO A 74 -35.81 23.19 -14.38
C PRO A 74 -37.12 22.56 -14.83
N ASP A 75 -38.22 23.28 -14.60
CA ASP A 75 -39.55 22.72 -14.88
C ASP A 75 -39.70 22.34 -16.35
N HIS A 76 -39.14 23.13 -17.28
CA HIS A 76 -39.25 22.79 -18.69
C HIS A 76 -38.42 21.57 -19.07
N MET A 77 -37.56 21.08 -18.19
CA MET A 77 -36.73 19.91 -18.47
C MET A 77 -37.14 18.69 -17.66
N LYS A 78 -38.28 18.75 -16.97
CA LYS A 78 -38.65 17.70 -16.03
C LYS A 78 -38.75 16.36 -16.71
N GLN A 79 -39.15 16.33 -17.98
CA GLN A 79 -39.25 15.05 -18.68
C GLN A 79 -37.91 14.47 -19.07
N HIS A 80 -36.79 15.10 -18.71
CA HIS A 80 -35.47 14.61 -19.04
C HIS A 80 -34.68 14.14 -17.81
N ASP A 81 -35.35 14.03 -16.66
CA ASP A 81 -34.71 13.69 -15.39
C ASP A 81 -34.85 12.18 -15.19
N PHE A 82 -33.96 11.45 -15.82
CA PHE A 82 -33.94 10.00 -15.67
C PHE A 82 -33.77 9.60 -14.21
N PHE A 83 -32.85 10.27 -13.50
CA PHE A 83 -32.46 9.80 -12.19
C PHE A 83 -33.66 9.69 -11.25
N LYS A 84 -34.46 10.74 -11.16
CA LYS A 84 -35.61 10.69 -10.27
C LYS A 84 -36.68 9.73 -10.79
N SER A 85 -36.82 9.60 -12.12
CA SER A 85 -37.88 8.77 -12.66
C SER A 85 -37.68 7.30 -12.29
N ALA A 86 -36.45 6.90 -11.99
CA ALA A 86 -36.14 5.52 -11.62
C ALA A 86 -36.40 5.22 -10.17
N MET A 87 -36.73 6.20 -9.39
CA MET A 87 -36.97 6.06 -7.97
C MET A 87 -38.42 5.69 -7.70
N PRO A 88 -38.71 5.05 -6.58
CA PRO A 88 -37.79 4.69 -5.48
C PRO A 88 -36.99 3.42 -5.68
N GLU A 89 -37.25 2.70 -6.77
CA GLU A 89 -36.58 1.42 -7.01
C GLU A 89 -35.08 1.62 -7.19
N GLY A 90 -34.68 2.71 -7.85
CA GLY A 90 -33.28 3.04 -7.95
C GLY A 90 -32.68 2.72 -9.30
N TYR A 91 -31.40 3.04 -9.43
CA TYR A 91 -30.63 2.75 -10.63
C TYR A 91 -29.24 2.26 -10.25
N VAL A 92 -28.65 1.52 -11.17
CA VAL A 92 -27.26 1.09 -11.08
C VAL A 92 -26.43 2.13 -11.81
N GLN A 93 -25.45 2.69 -11.13
CA GLN A 93 -24.45 3.57 -11.71
C GLN A 93 -23.13 2.83 -11.78
N GLU A 94 -22.63 2.63 -13.01
CA GLU A 94 -21.33 2.03 -13.27
C GLU A 94 -20.44 3.05 -13.97
N ARG A 95 -19.19 3.09 -13.56
CA ARG A 95 -18.22 3.98 -14.17
C ARG A 95 -16.90 3.25 -14.39
N THR A 96 -16.14 3.74 -15.37
CA THR A 96 -14.71 3.56 -15.42
C THR A 96 -14.09 4.96 -15.48
N ILE A 97 -13.09 5.20 -14.64
CA ILE A 97 -12.44 6.49 -14.55
C ILE A 97 -10.99 6.31 -14.92
N PHE A 98 -10.55 6.96 -16.02
CA PHE A 98 -9.17 6.86 -16.52
C PHE A 98 -8.42 8.11 -16.13
N PHE A 99 -7.44 7.97 -15.22
CA PHE A 99 -6.54 9.08 -14.90
C PHE A 99 -5.39 9.16 -15.92
N LYS A 100 -5.20 10.36 -16.51
CA LYS A 100 -4.25 10.57 -17.59
C LYS A 100 -2.95 9.85 -17.20
N ASP A 101 -2.43 8.98 -18.08
CA ASP A 101 -1.11 8.37 -17.84
C ASP A 101 -0.97 7.76 -16.44
N ASP A 102 -2.00 7.09 -15.94
CA ASP A 102 -1.95 6.48 -14.63
C ASP A 102 -3.01 5.39 -14.62
N GLY A 103 -3.46 4.98 -13.44
CA GLY A 103 -4.39 3.87 -13.31
C GLY A 103 -5.82 4.28 -13.64
N ASN A 104 -6.76 3.40 -13.30
CA ASN A 104 -8.17 3.67 -13.53
C ASN A 104 -8.99 3.05 -12.41
N TYR A 105 -10.13 3.68 -12.11
CA TYR A 105 -11.12 3.11 -11.20
C TYR A 105 -12.24 2.46 -12.01
N LYS A 106 -12.77 1.36 -11.49
CA LYS A 106 -13.98 0.75 -11.99
C LYS A 106 -14.98 0.66 -10.84
N THR A 107 -16.13 1.30 -10.99
CA THR A 107 -17.10 1.37 -9.90
C THR A 107 -18.46 0.88 -10.33
N ARG A 108 -19.11 0.15 -9.42
CA ARG A 108 -20.50 -0.22 -9.55
C ARG A 108 -21.23 0.23 -8.28
N ALA A 109 -22.30 0.98 -8.45
CA ALA A 109 -23.08 1.48 -7.32
C ALA A 109 -24.55 1.22 -7.55
N GLU A 110 -25.26 1.02 -6.45
CA GLU A 110 -26.71 1.00 -6.42
C GLU A 110 -27.19 2.25 -5.67
N VAL A 111 -28.03 3.04 -6.30
CA VAL A 111 -28.59 4.24 -5.71
C VAL A 111 -30.06 4.02 -5.62
N LYS A 112 -30.60 4.01 -4.41
CA LYS A 112 -32.00 3.66 -4.21
C LYS A 112 -32.43 4.10 -2.82
N PHE A 113 -33.74 4.15 -2.62
CA PHE A 113 -34.28 4.44 -1.32
C PHE A 113 -34.31 3.17 -0.47
N GLU A 114 -33.91 3.32 0.78
CA GLU A 114 -34.02 2.28 1.81
C GLU A 114 -34.79 2.96 2.92
N GLY A 115 -36.10 2.75 2.94
CA GLY A 115 -36.92 3.56 3.80
C GLY A 115 -37.04 4.96 3.23
N ASP A 116 -36.84 5.95 4.08
CA ASP A 116 -36.86 7.34 3.66
C ASP A 116 -35.49 7.90 3.36
N THR A 117 -34.45 7.08 3.42
CA THR A 117 -33.08 7.50 3.15
C THR A 117 -32.68 7.07 1.75
N LEU A 118 -32.03 7.97 1.00
CA LEU A 118 -31.45 7.67 -0.29
C LEU A 118 -30.04 7.12 -0.07
N VAL A 119 -29.77 5.90 -0.53
CA VAL A 119 -28.52 5.22 -0.22
C VAL A 119 -27.73 4.97 -1.49
N ASN A 120 -26.43 5.21 -1.42
CA ASN A 120 -25.50 5.00 -2.52
C ASN A 120 -24.46 4.02 -2.02
N ARG A 121 -24.55 2.74 -2.45
CA ARG A 121 -23.62 1.69 -2.03
C ARG A 121 -22.73 1.34 -3.20
N ILE A 122 -21.42 1.45 -3.00
CA ILE A 122 -20.46 1.44 -4.09
C ILE A 122 -19.39 0.37 -3.86
N GLU A 123 -18.95 -0.26 -4.94
CA GLU A 123 -17.75 -1.09 -4.96
C GLU A 123 -16.80 -0.47 -5.96
N LEU A 124 -15.58 -0.20 -5.55
CA LEU A 124 -14.57 0.41 -6.39
C LEU A 124 -13.32 -0.46 -6.45
N LYS A 125 -12.81 -0.69 -7.67
CA LYS A 125 -11.50 -1.32 -7.87
C LYS A 125 -10.63 -0.46 -8.77
N GLY A 126 -9.47 -0.09 -8.27
CA GLY A 126 -8.49 0.68 -9.02
C GLY A 126 -7.31 -0.23 -9.30
N ILE A 127 -6.72 -0.10 -10.48
CA ILE A 127 -5.62 -0.96 -10.91
C ILE A 127 -4.65 -0.12 -11.72
N ASP A 128 -3.39 -0.54 -11.69
CA ASP A 128 -2.34 -0.04 -12.56
C ASP A 128 -1.90 1.36 -12.21
N PHE A 129 -2.07 1.77 -10.95
CA PHE A 129 -1.59 3.10 -10.55
C PHE A 129 -0.08 3.04 -10.27
N LYS A 130 0.64 4.08 -10.67
CA LYS A 130 2.05 4.17 -10.36
C LYS A 130 2.20 4.61 -8.90
N GLU A 131 2.85 3.74 -8.11
CA GLU A 131 2.92 3.96 -6.67
C GLU A 131 3.56 5.29 -6.30
N ASP A 132 4.18 5.98 -7.24
CA ASP A 132 4.61 7.36 -7.00
C ASP A 132 4.02 8.34 -8.04
N GLY A 133 2.84 8.02 -8.57
CA GLY A 133 2.12 8.97 -9.41
C GLY A 133 1.49 10.09 -8.59
N ASN A 134 0.64 10.87 -9.27
CA ASN A 134 -0.05 11.93 -8.56
C ASN A 134 -1.05 11.38 -7.55
N ILE A 135 -1.54 10.16 -7.77
CA ILE A 135 -2.57 9.59 -6.92
C ILE A 135 -2.01 8.87 -5.71
N LEU A 136 -1.35 7.74 -5.94
CA LEU A 136 -0.77 7.02 -4.80
C LEU A 136 0.33 7.83 -4.11
N GLY A 137 0.85 8.85 -4.75
CA GLY A 137 1.77 9.77 -4.13
C GLY A 137 1.15 10.98 -3.49
N HIS A 138 -0.18 11.07 -3.45
CA HIS A 138 -0.91 12.18 -2.83
C HIS A 138 -0.33 13.53 -3.22
N LYS A 139 -0.28 13.78 -4.52
CA LYS A 139 0.16 15.05 -5.05
C LYS A 139 -1.03 15.94 -5.48
N LEU A 140 -2.24 15.50 -5.21
CA LEU A 140 -3.44 16.29 -5.53
C LEU A 140 -3.72 17.35 -4.46
N GLU A 141 -4.05 18.57 -4.91
CA GLU A 141 -4.53 19.58 -3.99
C GLU A 141 -5.91 19.16 -3.46
N TYR A 142 -6.24 19.66 -2.26
CA TYR A 142 -7.51 19.31 -1.61
C TYR A 142 -8.52 20.37 -2.02
N ASN A 143 -9.00 20.25 -3.26
CA ASN A 143 -9.99 21.19 -3.80
C ASN A 143 -10.70 20.54 -4.99
N TYR A 144 -11.58 21.31 -5.63
CA TYR A 144 -12.38 20.76 -6.71
C TYR A 144 -12.86 21.91 -7.55
N ASN A 145 -13.11 21.64 -8.81
CA ASN A 145 -13.50 22.64 -9.77
C ASN A 145 -14.88 22.31 -10.34
N SER A 146 -15.31 23.12 -11.28
CA SER A 146 -16.63 22.99 -11.94
C SER A 146 -16.55 22.23 -13.25
N HIS A 147 -17.53 21.35 -13.49
CA HIS A 147 -17.55 20.48 -14.67
C HIS A 147 -18.96 20.38 -15.24
N ASN A 148 -19.04 20.06 -16.51
CA ASN A 148 -20.29 19.77 -17.20
C ASN A 148 -20.37 18.27 -17.44
N VAL A 149 -21.48 17.68 -17.04
CA VAL A 149 -21.74 16.24 -17.09
C VAL A 149 -22.69 15.99 -18.25
N TYR A 150 -22.23 15.31 -19.29
CA TYR A 150 -23.01 15.19 -20.52
C TYR A 150 -23.82 13.90 -20.52
N ILE A 151 -25.11 14.03 -20.82
CA ILE A 151 -26.06 12.93 -20.68
C ILE A 151 -26.70 12.68 -22.04
N MET A 152 -26.76 11.42 -22.45
CA MET A 152 -27.55 11.02 -23.59
C MET A 152 -28.32 9.76 -23.21
N ALA A 153 -29.45 9.56 -23.88
CA ALA A 153 -30.21 8.33 -23.71
C ALA A 153 -29.45 7.14 -24.31
N ASP A 154 -29.67 5.97 -23.70
CA ASP A 154 -29.18 4.70 -24.22
C ASP A 154 -30.41 3.80 -24.33
N LYS A 155 -31.23 4.04 -25.38
CA LYS A 155 -32.53 3.40 -25.45
C LYS A 155 -32.41 1.88 -25.38
N GLN A 156 -31.44 1.32 -26.08
CA GLN A 156 -31.20 -0.14 -26.06
C GLN A 156 -31.11 -0.68 -24.64
N LYS A 157 -30.35 -0.01 -23.75
CA LYS A 157 -30.19 -0.48 -22.37
C LYS A 157 -31.19 0.15 -21.40
N ASN A 158 -32.19 0.85 -21.90
CA ASN A 158 -33.24 1.47 -21.10
C ASN A 158 -32.66 2.36 -20.01
N GLY A 159 -31.56 3.04 -20.30
CA GLY A 159 -30.93 3.95 -19.35
C GLY A 159 -30.24 5.08 -20.07
N ILE A 160 -29.16 5.58 -19.48
CA ILE A 160 -28.44 6.72 -20.01
C ILE A 160 -26.96 6.41 -20.04
N LYS A 161 -26.26 7.14 -20.92
CA LYS A 161 -24.80 7.15 -20.97
C LYS A 161 -24.32 8.54 -20.62
N VAL A 162 -23.29 8.62 -19.80
CA VAL A 162 -22.83 9.88 -19.25
C VAL A 162 -21.33 9.92 -19.37
N ASN A 163 -20.78 11.06 -19.81
CA ASN A 163 -19.32 11.18 -19.77
C ASN A 163 -18.91 12.63 -19.53
N PHE A 164 -17.73 12.80 -18.91
CA PHE A 164 -17.18 14.11 -18.58
C PHE A 164 -15.71 13.92 -18.18
N LYS A 165 -14.99 15.03 -18.06
CA LYS A 165 -13.58 15.02 -17.70
C LYS A 165 -13.35 15.94 -16.50
N ILE A 166 -12.88 15.37 -15.42
CA ILE A 166 -12.58 16.12 -14.21
C ILE A 166 -11.15 16.67 -14.27
N ARG A 167 -10.97 17.94 -13.86
CA ARG A 167 -9.66 18.56 -13.72
C ARG A 167 -9.26 18.54 -12.25
N HIS A 168 -8.24 17.74 -11.91
CA HIS A 168 -7.68 17.69 -10.56
C HIS A 168 -6.42 18.53 -10.49
N ASN A 169 -6.45 19.62 -9.72
CA ASN A 169 -5.29 20.48 -9.60
C ASN A 169 -4.20 19.77 -8.79
N ILE A 170 -2.94 19.92 -9.26
CA ILE A 170 -1.79 19.22 -8.67
C ILE A 170 -0.91 20.24 -7.94
N GLU A 171 -0.20 19.76 -6.91
CA GLU A 171 0.55 20.66 -6.03
C GLU A 171 1.67 21.41 -6.73
N ASP A 172 2.12 20.95 -7.90
CA ASP A 172 3.13 21.67 -8.69
C ASP A 172 2.54 22.62 -9.73
N GLY A 173 1.23 22.84 -9.71
CA GLY A 173 0.61 23.79 -10.61
C GLY A 173 0.08 23.21 -11.89
N SER A 174 0.23 21.90 -12.12
CA SER A 174 -0.33 21.26 -13.29
C SER A 174 -1.72 20.71 -12.98
N VAL A 175 -2.34 20.07 -13.96
CA VAL A 175 -3.67 19.48 -13.82
C VAL A 175 -3.66 18.05 -14.33
N HIS A 176 -4.28 17.15 -13.58
CA HIS A 176 -4.38 15.74 -13.93
C HIS A 176 -5.82 15.44 -14.32
N LEU A 177 -6.01 14.96 -15.55
CA LEU A 177 -7.35 14.73 -16.08
C LEU A 177 -7.84 13.33 -15.74
N ALA A 178 -9.08 13.25 -15.30
CA ALA A 178 -9.73 11.99 -14.93
C ALA A 178 -10.95 11.83 -15.82
N ASP A 179 -10.88 10.87 -16.75
CA ASP A 179 -11.82 10.78 -17.86
C ASP A 179 -12.89 9.77 -17.47
N HIS A 180 -14.15 10.23 -17.39
CA HIS A 180 -15.23 9.46 -16.79
C HIS A 180 -16.15 8.91 -17.86
N TYR A 181 -16.45 7.61 -17.79
CA TYR A 181 -17.49 7.02 -18.64
C TYR A 181 -18.48 6.30 -17.76
N GLN A 182 -19.75 6.64 -17.92
CA GLN A 182 -20.74 6.27 -16.92
C GLN A 182 -21.97 5.78 -17.65
N GLN A 183 -22.59 4.75 -17.09
CA GLN A 183 -23.87 4.25 -17.58
C GLN A 183 -24.78 4.03 -16.37
N ASN A 184 -26.02 4.43 -16.49
CA ASN A 184 -27.02 4.29 -15.45
C ASN A 184 -28.16 3.44 -15.98
N THR A 185 -28.54 2.43 -15.22
CA THR A 185 -29.56 1.50 -15.62
C THR A 185 -30.56 1.34 -14.50
N PRO A 186 -31.86 1.34 -14.80
CA PRO A 186 -32.85 1.23 -13.72
C PRO A 186 -32.82 -0.14 -13.06
N ILE A 187 -33.03 -0.16 -11.75
CA ILE A 187 -33.16 -1.42 -11.03
C ILE A 187 -34.57 -1.98 -11.21
N GLY A 188 -35.59 -1.16 -10.97
CA GLY A 188 -36.95 -1.60 -11.17
C GLY A 188 -37.26 -1.94 -12.62
N ASP A 189 -38.46 -2.45 -12.88
CA ASP A 189 -38.95 -2.68 -14.24
C ASP A 189 -40.01 -1.68 -14.65
N GLY A 190 -40.35 -0.72 -13.78
CA GLY A 190 -41.24 0.35 -14.13
C GLY A 190 -40.66 1.21 -15.24
N PRO A 191 -41.47 2.10 -15.80
CA PRO A 191 -40.99 2.94 -16.90
C PRO A 191 -40.18 4.11 -16.35
N VAL A 192 -39.13 4.47 -17.09
CA VAL A 192 -38.27 5.59 -16.75
C VAL A 192 -38.28 6.59 -17.92
N LEU A 193 -37.78 7.79 -17.64
CA LEU A 193 -37.67 8.84 -18.65
C LEU A 193 -36.32 8.71 -19.36
N LEU A 194 -36.36 8.54 -20.69
CA LEU A 194 -35.14 8.49 -21.50
C LEU A 194 -34.94 9.90 -22.06
N PRO A 195 -33.89 10.61 -21.66
CA PRO A 195 -33.82 12.04 -21.95
C PRO A 195 -33.26 12.35 -23.33
N ASP A 196 -33.61 13.57 -23.78
CA ASP A 196 -32.85 14.23 -24.83
C ASP A 196 -31.43 14.55 -24.33
N ASN A 197 -30.52 14.76 -25.27
CA ASN A 197 -29.15 15.17 -24.94
C ASN A 197 -29.20 16.44 -24.10
N HIS A 198 -28.48 16.43 -23.00
CA HIS A 198 -28.38 17.60 -22.12
C HIS A 198 -27.15 17.42 -21.22
N TYR A 199 -27.00 18.33 -20.26
CA TYR A 199 -25.86 18.22 -19.36
C TYR A 199 -26.23 18.75 -17.99
N LEU A 200 -25.46 18.36 -16.98
CA LEU A 200 -25.57 18.88 -15.64
C LEU A 200 -24.37 19.80 -15.37
N SER A 201 -24.64 21.03 -14.95
CA SER A 201 -23.62 21.96 -14.51
C SER A 201 -23.37 21.70 -13.04
N THR A 202 -22.17 21.18 -12.70
CA THR A 202 -21.84 20.77 -11.36
C THR A 202 -20.70 21.60 -10.82
N GLN A 203 -20.74 21.86 -9.52
CA GLN A 203 -19.77 22.63 -8.78
C GLN A 203 -19.65 21.99 -7.40
N SER A 204 -18.43 21.84 -6.90
CA SER A 204 -18.20 21.19 -5.62
C SER A 204 -17.18 22.01 -4.83
N ALA A 205 -17.24 21.84 -3.52
CA ALA A 205 -16.27 22.44 -2.61
C ALA A 205 -16.00 21.44 -1.51
N LEU A 206 -14.72 21.30 -1.18
CA LEU A 206 -14.28 20.35 -0.17
C LEU A 206 -13.72 21.11 1.04
N SER A 207 -13.94 20.58 2.22
CA SER A 207 -13.40 21.17 3.43
C SER A 207 -13.17 20.10 4.46
N LYS A 208 -12.65 20.52 5.62
CA LYS A 208 -12.36 19.66 6.74
C LYS A 208 -13.18 20.11 7.94
N ASP A 209 -13.54 19.14 8.76
CA ASP A 209 -14.22 19.40 10.03
C ASP A 209 -13.13 19.45 11.06
N PRO A 210 -12.84 20.61 11.65
CA PRO A 210 -11.70 20.69 12.59
C PRO A 210 -11.81 19.79 13.82
N ASN A 211 -12.99 19.26 14.12
CA ASN A 211 -13.16 18.37 15.26
C ASN A 211 -13.23 16.91 14.86
N GLU A 212 -13.15 16.59 13.58
CA GLU A 212 -13.19 15.21 13.12
C GLU A 212 -11.79 14.66 13.20
N LYS A 213 -11.60 13.67 14.09
CA LYS A 213 -10.28 13.07 14.31
C LYS A 213 -9.91 12.02 13.27
N ARG A 214 -10.91 11.41 12.61
CA ARG A 214 -10.68 10.37 11.60
C ARG A 214 -10.43 11.03 10.25
N ASP A 215 -9.77 10.29 9.36
CA ASP A 215 -9.54 10.74 7.99
C ASP A 215 -10.89 10.93 7.33
N HIS A 216 -11.11 12.09 6.70
CA HIS A 216 -12.47 12.45 6.38
C HIS A 216 -12.47 13.49 5.27
N MET A 217 -13.65 13.68 4.70
CA MET A 217 -13.92 14.73 3.73
C MET A 217 -15.32 15.29 3.98
N VAL A 218 -15.44 16.62 3.93
CA VAL A 218 -16.73 17.29 3.85
C VAL A 218 -16.90 17.79 2.42
N LEU A 219 -18.03 17.43 1.81
CA LEU A 219 -18.33 17.71 0.42
C LEU A 219 -19.63 18.51 0.30
N LEU A 220 -19.56 19.61 -0.42
CA LEU A 220 -20.75 20.37 -0.85
C LEU A 220 -20.78 20.32 -2.36
N GLU A 221 -21.95 19.97 -2.93
CA GLU A 221 -22.13 19.94 -4.38
C GLU A 221 -23.38 20.73 -4.75
N PHE A 222 -23.29 21.52 -5.81
CA PHE A 222 -24.43 22.15 -6.49
C PHE A 222 -24.51 21.61 -7.91
N VAL A 223 -25.71 21.19 -8.31
CA VAL A 223 -25.89 20.52 -9.60
C VAL A 223 -27.19 20.99 -10.23
N THR A 224 -27.11 21.63 -11.36
CA THR A 224 -28.28 22.11 -12.10
C THR A 224 -28.26 21.57 -13.52
N ALA A 225 -29.39 21.10 -14.01
CA ALA A 225 -29.47 20.59 -15.37
C ALA A 225 -29.72 21.73 -16.35
N ALA A 226 -29.13 21.62 -17.55
CA ALA A 226 -29.33 22.61 -18.58
C ALA A 226 -29.13 21.96 -19.94
N GLY A 227 -29.16 22.80 -20.98
CA GLY A 227 -28.86 22.37 -22.33
C GLY A 227 -30.05 22.09 -23.21
N ILE A 228 -31.25 22.42 -22.74
CA ILE A 228 -32.49 22.27 -23.49
C ILE A 228 -33.32 23.52 -23.26
N THR A 229 -33.67 24.22 -24.33
CA THR A 229 -34.40 25.48 -24.23
C THR A 229 -35.88 25.26 -23.91
N SER B 3 29.92 -36.55 0.85
CA SER B 3 31.05 -35.74 0.39
C SER B 3 30.71 -35.04 -0.93
N LYS B 4 29.61 -35.47 -1.56
CA LYS B 4 29.25 -34.88 -2.85
C LYS B 4 28.74 -33.44 -2.67
N GLY B 5 27.66 -33.28 -1.91
CA GLY B 5 27.10 -31.95 -1.71
C GLY B 5 28.09 -30.99 -1.06
N GLU B 6 28.86 -31.48 -0.07
CA GLU B 6 29.73 -30.59 0.66
C GLU B 6 30.92 -30.13 -0.17
N GLU B 7 31.33 -30.93 -1.17
CA GLU B 7 32.42 -30.54 -2.05
C GLU B 7 32.05 -29.34 -2.92
N LEU B 8 30.76 -29.09 -3.13
CA LEU B 8 30.33 -27.91 -3.86
C LEU B 8 30.60 -26.61 -3.11
N PHE B 9 30.98 -26.70 -1.82
CA PHE B 9 31.04 -25.53 -0.95
C PHE B 9 32.43 -25.31 -0.40
N THR B 10 33.44 -26.01 -0.96
CA THR B 10 34.81 -25.86 -0.48
C THR B 10 35.37 -24.48 -0.73
N GLY B 11 34.86 -23.74 -1.71
CA GLY B 11 35.37 -22.42 -2.02
C GLY B 11 34.27 -21.37 -2.08
N VAL B 12 34.53 -20.26 -2.76
CA VAL B 12 33.54 -19.17 -2.90
C VAL B 12 32.53 -19.59 -3.98
N VAL B 13 31.24 -19.38 -3.69
CA VAL B 13 30.15 -19.78 -4.57
C VAL B 13 29.25 -18.58 -4.86
N PRO B 14 29.03 -18.22 -6.11
CA PRO B 14 28.12 -17.11 -6.39
C PRO B 14 26.69 -17.45 -6.00
N ILE B 15 25.93 -16.40 -5.65
CA ILE B 15 24.57 -16.56 -5.19
C ILE B 15 23.66 -15.60 -5.97
N LEU B 16 22.48 -16.08 -6.33
CA LEU B 16 21.41 -15.24 -6.86
C LEU B 16 20.18 -15.42 -5.99
N VAL B 17 19.49 -14.31 -5.69
CA VAL B 17 18.28 -14.31 -4.90
C VAL B 17 17.20 -13.58 -5.68
N GLU B 18 16.02 -14.20 -5.82
CA GLU B 18 14.86 -13.62 -6.53
C GLU B 18 13.65 -13.83 -5.65
N LEU B 19 12.92 -12.75 -5.34
CA LEU B 19 11.75 -12.82 -4.50
C LEU B 19 10.59 -12.05 -5.12
N ASP B 20 9.41 -12.65 -5.13
CA ASP B 20 8.14 -11.96 -5.40
C ASP B 20 7.33 -11.94 -4.12
N GLY B 21 6.85 -10.77 -3.75
CA GLY B 21 6.17 -10.61 -2.49
C GLY B 21 4.82 -9.92 -2.68
N ASP B 22 3.97 -10.12 -1.68
CA ASP B 22 2.63 -9.50 -1.62
C ASP B 22 2.29 -9.42 -0.15
N VAL B 23 2.36 -8.22 0.42
CA VAL B 23 2.09 -7.97 1.82
C VAL B 23 0.88 -7.06 1.87
N ASN B 24 -0.25 -7.57 2.38
CA ASN B 24 -1.49 -6.79 2.49
C ASN B 24 -1.86 -6.21 1.13
N GLY B 25 -1.69 -7.01 0.07
CA GLY B 25 -2.00 -6.60 -1.27
C GLY B 25 -0.97 -5.76 -1.98
N HIS B 26 0.03 -5.23 -1.26
CA HIS B 26 1.09 -4.43 -1.86
C HIS B 26 2.15 -5.36 -2.46
N LYS B 27 2.20 -5.41 -3.80
CA LYS B 27 3.10 -6.31 -4.50
C LYS B 27 4.46 -5.67 -4.79
N PHE B 28 5.50 -6.51 -4.85
CA PHE B 28 6.87 -6.03 -5.04
C PHE B 28 7.76 -7.22 -5.40
N SER B 29 8.94 -6.93 -5.98
CA SER B 29 9.92 -7.93 -6.34
C SER B 29 11.31 -7.45 -5.93
N VAL B 30 12.16 -8.40 -5.53
CA VAL B 30 13.53 -8.10 -5.14
C VAL B 30 14.47 -9.03 -5.87
N SER B 31 15.58 -8.50 -6.40
CA SER B 31 16.66 -9.29 -6.97
C SER B 31 17.93 -9.01 -6.15
N GLY B 32 18.71 -10.05 -5.90
CA GLY B 32 19.89 -9.92 -5.09
C GLY B 32 21.01 -10.76 -5.66
N GLU B 33 22.26 -10.35 -5.35
CA GLU B 33 23.42 -11.08 -5.81
C GLU B 33 24.51 -10.95 -4.77
N GLY B 34 25.38 -11.94 -4.73
CA GLY B 34 26.59 -11.87 -3.92
C GLY B 34 27.29 -13.20 -3.99
N GLU B 35 27.86 -13.64 -2.86
CA GLU B 35 28.59 -14.89 -2.81
C GLU B 35 28.60 -15.41 -1.40
N GLY B 36 28.77 -16.72 -1.28
CA GLY B 36 28.90 -17.37 0.02
C GLY B 36 30.18 -18.18 0.06
N ASP B 37 30.68 -18.37 1.28
CA ASP B 37 31.88 -19.17 1.52
C ASP B 37 31.72 -19.95 2.81
N ALA B 38 31.24 -21.18 2.69
CA ALA B 38 30.98 -21.99 3.87
C ALA B 38 32.25 -22.32 4.64
N THR B 39 33.42 -22.14 4.03
CA THR B 39 34.65 -22.36 4.79
C THR B 39 34.76 -21.38 5.96
N TYR B 40 34.32 -20.14 5.76
CA TYR B 40 34.27 -19.12 6.80
C TYR B 40 32.88 -18.96 7.40
N GLY B 41 31.86 -19.61 6.83
CA GLY B 41 30.50 -19.37 7.26
C GLY B 41 30.03 -17.96 6.91
N LYS B 42 30.42 -17.44 5.77
CA LYS B 42 30.23 -16.02 5.46
C LYS B 42 29.35 -15.87 4.23
N LEU B 43 28.44 -14.91 4.30
CA LEU B 43 27.50 -14.59 3.24
C LEU B 43 27.56 -13.10 3.02
N THR B 44 27.64 -12.67 1.75
CA THR B 44 27.62 -11.27 1.39
C THR B 44 26.65 -11.08 0.23
N LEU B 45 25.67 -10.20 0.40
CA LEU B 45 24.66 -10.03 -0.65
C LEU B 45 24.26 -8.58 -0.74
N LYS B 46 23.88 -8.14 -1.96
CA LYS B 46 23.21 -6.87 -2.19
C LYS B 46 21.86 -7.10 -2.89
N PHE B 47 20.84 -6.46 -2.40
CA PHE B 47 19.49 -6.57 -2.95
C PHE B 47 19.01 -5.22 -3.42
N ILE B 48 18.20 -5.23 -4.48
CA ILE B 48 17.47 -4.03 -4.89
C ILE B 48 16.01 -4.39 -5.06
N CYS B 49 15.11 -3.46 -4.70
CA CYS B 49 13.69 -3.61 -5.05
C CYS B 49 13.53 -3.09 -6.49
N THR B 50 13.24 -4.00 -7.42
CA THR B 50 13.12 -3.67 -8.83
C THR B 50 11.76 -3.06 -9.22
N THR B 51 10.79 -3.02 -8.34
CA THR B 51 9.48 -2.46 -8.58
C THR B 51 9.30 -1.11 -7.92
N GLY B 52 10.33 -0.59 -7.24
CA GLY B 52 10.22 0.72 -6.67
C GLY B 52 10.68 0.80 -5.24
N LYS B 53 9.85 1.40 -4.39
CA LYS B 53 10.11 1.41 -2.97
C LYS B 53 9.64 0.09 -2.38
N LEU B 54 10.46 -0.47 -1.51
CA LEU B 54 10.04 -1.70 -0.82
C LEU B 54 8.94 -1.35 0.18
N PRO B 55 7.81 -2.06 0.17
CA PRO B 55 6.67 -1.69 1.05
C PRO B 55 6.79 -2.10 2.50
N VAL B 56 7.84 -2.85 2.85
CA VAL B 56 8.09 -3.27 4.24
C VAL B 56 9.53 -2.91 4.59
N PRO B 57 9.87 -2.90 5.86
CA PRO B 57 11.27 -2.61 6.23
C PRO B 57 12.19 -3.71 5.73
N TRP B 58 13.39 -3.32 5.27
CA TRP B 58 14.33 -4.31 4.77
C TRP B 58 14.69 -5.36 5.81
N PRO B 59 14.85 -5.02 7.09
CA PRO B 59 15.26 -6.05 8.08
C PRO B 59 14.28 -7.18 8.22
N THR B 60 13.01 -6.98 7.92
CA THR B 60 12.02 -8.04 8.05
C THR B 60 12.15 -9.11 6.99
N LEU B 61 12.95 -8.88 5.94
CA LEU B 61 13.17 -9.89 4.91
C LEU B 61 14.53 -10.58 4.99
N VAL B 62 15.36 -10.23 5.96
CA VAL B 62 16.71 -10.79 6.04
C VAL B 62 16.66 -12.32 6.07
N THR B 63 15.88 -12.90 6.99
CA THR B 63 15.84 -14.36 7.11
C THR B 63 15.32 -14.99 5.84
N THR B 64 14.44 -14.30 5.11
CA THR B 64 13.89 -14.88 3.88
C THR B 64 14.94 -14.91 2.77
N PHE B 65 15.70 -13.84 2.63
CA PHE B 65 16.73 -13.78 1.64
C PHE B 65 17.89 -14.74 1.96
N VAL B 67 19.99 -18.93 2.90
CA VAL B 67 20.83 -19.88 2.19
C VAL B 67 21.78 -20.52 3.18
N GLN B 68 21.19 -21.28 4.10
CA GLN B 68 21.89 -21.83 5.25
C GLN B 68 22.81 -22.98 4.89
N CYS B 69 22.82 -23.41 3.63
CA CYS B 69 23.92 -24.24 3.14
C CYS B 69 25.29 -23.56 3.22
N PHE B 70 25.36 -22.25 3.44
CA PHE B 70 26.65 -21.59 3.58
C PHE B 70 27.13 -21.51 5.04
N ALA B 71 26.41 -22.14 5.96
CA ALA B 71 26.92 -22.25 7.32
C ALA B 71 28.24 -23.00 7.36
N ARG B 72 29.11 -22.59 8.27
CA ARG B 72 30.30 -23.38 8.59
C ARG B 72 29.91 -24.46 9.57
N TYR B 73 30.03 -25.73 9.16
CA TYR B 73 29.82 -26.82 10.07
C TYR B 73 31.19 -27.31 10.51
N PRO B 74 31.49 -27.37 11.79
CA PRO B 74 32.76 -27.96 12.22
C PRO B 74 32.88 -29.40 11.71
N ASP B 75 34.12 -29.87 11.59
CA ASP B 75 34.36 -31.21 11.03
C ASP B 75 33.69 -32.29 11.87
N HIS B 76 33.68 -32.13 13.20
CA HIS B 76 33.01 -33.12 14.05
C HIS B 76 31.50 -33.10 13.90
N MET B 77 30.93 -32.10 13.22
CA MET B 77 29.49 -32.02 13.00
C MET B 77 29.11 -32.24 11.54
N LYS B 78 30.07 -32.67 10.74
CA LYS B 78 29.87 -32.73 9.29
C LYS B 78 28.67 -33.59 8.94
N GLN B 79 28.43 -34.65 9.70
CA GLN B 79 27.30 -35.54 9.42
C GLN B 79 25.96 -34.94 9.80
N HIS B 80 25.91 -33.73 10.32
CA HIS B 80 24.66 -33.10 10.70
C HIS B 80 24.28 -31.95 9.79
N ASP B 81 24.98 -31.80 8.65
CA ASP B 81 24.77 -30.69 7.72
C ASP B 81 23.80 -31.14 6.64
N PHE B 82 22.51 -31.08 6.97
CA PHE B 82 21.47 -31.41 6.01
C PHE B 82 21.57 -30.53 4.77
N PHE B 83 21.79 -29.23 4.97
CA PHE B 83 21.65 -28.27 3.88
C PHE B 83 22.56 -28.65 2.70
N LYS B 84 23.84 -28.86 2.96
CA LYS B 84 24.76 -29.21 1.89
C LYS B 84 24.48 -30.63 1.35
N SER B 85 24.02 -31.55 2.20
CA SER B 85 23.80 -32.92 1.75
C SER B 85 22.72 -32.97 0.68
N ALA B 86 21.82 -31.99 0.64
CA ALA B 86 20.75 -31.97 -0.34
C ALA B 86 21.16 -31.39 -1.68
N MET B 87 22.36 -30.91 -1.80
CA MET B 87 22.87 -30.29 -3.00
C MET B 87 23.49 -31.32 -3.92
N PRO B 88 23.53 -31.05 -5.23
CA PRO B 88 23.09 -29.82 -5.92
C PRO B 88 21.61 -29.75 -6.21
N GLU B 89 20.87 -30.83 -5.91
CA GLU B 89 19.45 -30.87 -6.26
C GLU B 89 18.68 -29.79 -5.52
N GLY B 90 19.07 -29.51 -4.28
CA GLY B 90 18.45 -28.43 -3.54
C GLY B 90 17.43 -28.89 -2.54
N TYR B 91 16.88 -27.90 -1.83
CA TYR B 91 15.83 -28.15 -0.86
C TYR B 91 14.79 -27.05 -0.97
N VAL B 92 13.57 -27.38 -0.52
CA VAL B 92 12.49 -26.44 -0.38
C VAL B 92 12.56 -25.93 1.04
N GLN B 93 12.64 -24.63 1.21
CA GLN B 93 12.54 -23.96 2.50
C GLN B 93 11.21 -23.21 2.58
N GLU B 94 10.36 -23.63 3.51
CA GLU B 94 9.08 -22.98 3.79
C GLU B 94 9.09 -22.44 5.21
N ARG B 95 8.55 -21.25 5.36
CA ARG B 95 8.46 -20.60 6.65
C ARG B 95 7.08 -19.97 6.83
N THR B 96 6.67 -19.84 8.09
CA THR B 96 5.68 -18.87 8.51
C THR B 96 6.37 -18.03 9.58
N ILE B 97 6.25 -16.71 9.45
CA ILE B 97 6.88 -15.77 10.36
C ILE B 97 5.79 -14.95 11.00
N PHE B 98 5.66 -15.05 12.33
CA PHE B 98 4.62 -14.36 13.10
C PHE B 98 5.25 -13.15 13.77
N PHE B 99 4.89 -11.95 13.31
CA PHE B 99 5.30 -10.73 14.01
C PHE B 99 4.32 -10.45 15.15
N LYS B 100 4.85 -10.38 16.37
CA LYS B 100 4.03 -10.27 17.58
C LYS B 100 3.03 -9.13 17.44
N ASP B 101 1.76 -9.44 17.69
CA ASP B 101 0.66 -8.45 17.66
C ASP B 101 0.62 -7.71 16.32
N ASP B 102 0.88 -8.44 15.24
CA ASP B 102 0.87 -7.87 13.91
C ASP B 102 0.64 -9.03 12.95
N GLY B 103 1.00 -8.83 11.68
CA GLY B 103 0.76 -9.82 10.64
C GLY B 103 1.80 -10.94 10.63
N ASN B 104 1.78 -11.71 9.55
CA ASN B 104 2.71 -12.80 9.36
C ASN B 104 3.06 -12.92 7.88
N TYR B 105 4.29 -13.40 7.63
CA TYR B 105 4.71 -13.77 6.29
C TYR B 105 4.61 -15.28 6.13
N LYS B 106 4.24 -15.73 4.93
CA LYS B 106 4.35 -17.14 4.55
C LYS B 106 5.23 -17.23 3.32
N THR B 107 6.33 -17.97 3.43
CA THR B 107 7.30 -18.02 2.34
C THR B 107 7.55 -19.45 1.90
N ARG B 108 7.70 -19.63 0.60
CA ARG B 108 8.17 -20.86 0.00
C ARG B 108 9.35 -20.54 -0.91
N ALA B 109 10.47 -21.21 -0.70
CA ALA B 109 11.66 -20.98 -1.50
C ALA B 109 12.23 -22.30 -1.97
N GLU B 110 12.84 -22.27 -3.15
CA GLU B 110 13.70 -23.34 -3.63
C GLU B 110 15.14 -22.85 -3.65
N VAL B 111 16.02 -23.58 -2.99
CA VAL B 111 17.43 -23.27 -2.92
C VAL B 111 18.15 -24.41 -3.61
N LYS B 112 18.87 -24.10 -4.67
CA LYS B 112 19.50 -25.14 -5.47
C LYS B 112 20.53 -24.50 -6.40
N PHE B 113 21.41 -25.33 -6.93
CA PHE B 113 22.35 -24.86 -7.92
C PHE B 113 21.69 -24.78 -9.30
N GLU B 114 21.97 -23.70 -10.00
CA GLU B 114 21.58 -23.49 -11.40
C GLU B 114 22.90 -23.20 -12.10
N GLY B 115 23.50 -24.23 -12.69
CA GLY B 115 24.86 -24.07 -13.13
C GLY B 115 25.77 -24.10 -11.93
N ASP B 116 26.69 -23.16 -11.88
CA ASP B 116 27.61 -23.00 -10.77
C ASP B 116 27.14 -21.97 -9.75
N THR B 117 25.95 -21.39 -9.93
CA THR B 117 25.41 -20.40 -9.02
C THR B 117 24.40 -21.06 -8.08
N LEU B 118 24.46 -20.71 -6.80
CA LEU B 118 23.49 -21.13 -5.81
C LEU B 118 22.34 -20.15 -5.85
N VAL B 119 21.13 -20.64 -6.13
CA VAL B 119 19.98 -19.75 -6.35
C VAL B 119 18.91 -19.99 -5.30
N ASN B 120 18.37 -18.92 -4.78
CA ASN B 120 17.30 -18.91 -3.78
C ASN B 120 16.14 -18.14 -4.39
N ARG B 121 15.09 -18.86 -4.84
CA ARG B 121 13.91 -18.23 -5.45
C ARG B 121 12.74 -18.35 -4.51
N ILE B 122 12.15 -17.22 -4.15
CA ILE B 122 11.22 -17.13 -3.02
C ILE B 122 9.90 -16.55 -3.47
N GLU B 123 8.81 -17.05 -2.90
CA GLU B 123 7.50 -16.41 -2.97
C GLU B 123 7.09 -16.11 -1.55
N LEU B 124 6.72 -14.87 -1.29
CA LEU B 124 6.32 -14.41 0.03
C LEU B 124 4.90 -13.80 -0.01
N LYS B 125 4.05 -14.20 0.95
CA LYS B 125 2.73 -13.62 1.14
C LYS B 125 2.56 -13.17 2.58
N GLY B 126 2.32 -11.89 2.77
CA GLY B 126 2.09 -11.31 4.08
C GLY B 126 0.63 -10.87 4.16
N ILE B 127 0.02 -11.09 5.33
CA ILE B 127 -1.38 -10.76 5.54
C ILE B 127 -1.57 -10.28 6.97
N ASP B 128 -2.60 -9.44 7.15
CA ASP B 128 -3.09 -9.04 8.48
C ASP B 128 -2.17 -8.07 9.18
N PHE B 129 -1.37 -7.30 8.43
CA PHE B 129 -0.50 -6.33 9.08
C PHE B 129 -1.29 -5.06 9.43
N LYS B 130 -0.97 -4.46 10.56
CA LYS B 130 -1.56 -3.19 10.95
C LYS B 130 -0.97 -2.10 10.07
N GLU B 131 -1.83 -1.44 9.28
CA GLU B 131 -1.33 -0.47 8.31
C GLU B 131 -0.53 0.65 8.96
N ASP B 132 -0.61 0.82 10.28
CA ASP B 132 0.31 1.70 10.99
C ASP B 132 1.05 0.99 12.14
N GLY B 133 1.28 -0.31 11.98
CA GLY B 133 2.14 -1.02 12.92
C GLY B 133 3.62 -0.69 12.72
N ASN B 134 4.47 -1.51 13.38
CA ASN B 134 5.90 -1.29 13.22
C ASN B 134 6.37 -1.63 11.81
N ILE B 135 5.69 -2.53 11.11
CA ILE B 135 6.15 -3.01 9.81
C ILE B 135 5.68 -2.09 8.71
N LEU B 136 4.37 -2.07 8.45
CA LEU B 136 3.86 -1.16 7.41
C LEU B 136 4.07 0.30 7.78
N GLY B 137 4.33 0.61 9.02
CA GLY B 137 4.68 1.96 9.43
C GLY B 137 6.15 2.29 9.44
N HIS B 138 7.01 1.36 9.00
CA HIS B 138 8.46 1.55 8.94
C HIS B 138 9.02 2.18 10.22
N LYS B 139 8.76 1.51 11.34
CA LYS B 139 9.28 1.93 12.62
C LYS B 139 10.47 1.06 13.07
N LEU B 140 10.92 0.18 12.21
CA LEU B 140 12.10 -0.65 12.53
C LEU B 140 13.40 0.12 12.24
N GLU B 141 14.36 0.02 13.18
CA GLU B 141 15.69 0.51 12.93
C GLU B 141 16.33 -0.33 11.81
N TYR B 142 17.31 0.26 11.12
CA TYR B 142 17.96 -0.43 9.99
C TYR B 142 19.18 -1.13 10.59
N ASN B 143 18.92 -2.25 11.25
CA ASN B 143 20.01 -3.04 11.85
C ASN B 143 19.54 -4.46 12.11
N TYR B 144 20.42 -5.25 12.75
CA TYR B 144 20.13 -6.66 12.95
C TYR B 144 21.00 -7.16 14.09
N ASN B 145 20.52 -8.17 14.77
CA ASN B 145 21.17 -8.69 15.96
C ASN B 145 21.53 -10.16 15.72
N SER B 146 22.09 -10.79 16.75
CA SER B 146 22.52 -12.19 16.70
C SER B 146 21.48 -13.14 17.24
N HIS B 147 21.31 -14.30 16.58
CA HIS B 147 20.26 -15.26 16.94
C HIS B 147 20.77 -16.69 16.82
N ASN B 148 20.13 -17.58 17.55
CA ASN B 148 20.37 -19.00 17.47
C ASN B 148 19.23 -19.67 16.72
N VAL B 149 19.58 -20.46 15.71
CA VAL B 149 18.65 -21.14 14.82
C VAL B 149 18.65 -22.60 15.21
N TYR B 150 17.51 -23.09 15.72
CA TYR B 150 17.44 -24.42 16.30
C TYR B 150 16.93 -25.41 15.26
N ILE B 151 17.67 -26.52 15.12
CA ILE B 151 17.44 -27.48 14.06
C ILE B 151 17.18 -28.83 14.71
N MET B 152 16.14 -29.51 14.25
CA MET B 152 15.89 -30.91 14.59
C MET B 152 15.56 -31.67 13.32
N ALA B 153 15.85 -32.97 13.34
CA ALA B 153 15.47 -33.82 12.24
C ALA B 153 13.96 -34.00 12.18
N ASP B 154 13.45 -34.19 10.97
CA ASP B 154 12.09 -34.64 10.76
C ASP B 154 12.13 -35.84 9.80
N LYS B 155 12.55 -37.02 10.31
CA LYS B 155 12.79 -38.17 9.44
C LYS B 155 11.55 -38.45 8.62
N GLN B 156 10.40 -38.18 9.21
CA GLN B 156 9.10 -38.29 8.57
C GLN B 156 9.07 -37.67 7.18
N LYS B 157 9.45 -36.40 7.06
CA LYS B 157 9.43 -35.65 5.82
C LYS B 157 10.78 -35.68 5.13
N ASN B 158 11.69 -36.51 5.63
CA ASN B 158 13.03 -36.64 5.09
C ASN B 158 13.72 -35.28 5.04
N GLY B 159 13.44 -34.44 6.02
CA GLY B 159 14.05 -33.12 6.12
C GLY B 159 14.24 -32.70 7.56
N ILE B 160 14.18 -31.40 7.80
CA ILE B 160 14.44 -30.82 9.10
C ILE B 160 13.34 -29.83 9.43
N LYS B 161 13.18 -29.59 10.74
CA LYS B 161 12.32 -28.54 11.28
C LYS B 161 13.19 -27.54 12.01
N VAL B 162 12.91 -26.25 11.81
CA VAL B 162 13.77 -25.20 12.31
C VAL B 162 12.90 -24.14 12.97
N ASN B 163 13.34 -23.65 14.12
CA ASN B 163 12.62 -22.51 14.67
C ASN B 163 13.57 -21.59 15.45
N PHE B 164 13.20 -20.30 15.50
CA PHE B 164 13.99 -19.28 16.20
C PHE B 164 13.12 -18.02 16.28
N LYS B 165 13.57 -17.04 17.08
CA LYS B 165 12.84 -15.78 17.25
C LYS B 165 13.80 -14.62 17.00
N ILE B 166 13.49 -13.81 16.02
CA ILE B 166 14.27 -12.64 15.68
C ILE B 166 13.83 -11.45 16.53
N ARG B 167 14.82 -10.67 17.03
CA ARG B 167 14.58 -9.41 17.73
C ARG B 167 14.84 -8.25 16.78
N HIS B 168 13.76 -7.54 16.38
CA HIS B 168 13.87 -6.34 15.54
C HIS B 168 13.80 -5.11 16.42
N ASN B 169 14.89 -4.35 16.48
CA ASN B 169 14.92 -3.13 17.28
C ASN B 169 14.02 -2.06 16.64
N ILE B 170 13.27 -1.35 17.49
CA ILE B 170 12.27 -0.36 17.07
C ILE B 170 12.77 1.04 17.43
N GLU B 171 12.37 2.04 16.62
CA GLU B 171 12.92 3.38 16.78
C GLU B 171 12.59 4.02 18.13
N ASP B 172 11.57 3.54 18.83
CA ASP B 172 11.23 4.06 20.15
C ASP B 172 11.93 3.34 21.29
N GLY B 173 12.86 2.44 20.99
CA GLY B 173 13.60 1.75 22.01
C GLY B 173 13.04 0.41 22.41
N SER B 174 11.91 -0.02 21.81
CA SER B 174 11.35 -1.32 22.08
C SER B 174 11.89 -2.34 21.08
N VAL B 175 11.44 -3.59 21.23
CA VAL B 175 11.83 -4.69 20.35
C VAL B 175 10.57 -5.43 19.90
N HIS B 176 10.50 -5.74 18.61
CA HIS B 176 9.40 -6.47 18.01
C HIS B 176 9.89 -7.87 17.65
N LEU B 177 9.26 -8.90 18.22
CA LEU B 177 9.70 -10.28 18.01
C LEU B 177 9.03 -10.87 16.79
N ALA B 178 9.81 -11.58 15.98
CA ALA B 178 9.33 -12.25 14.77
C ALA B 178 9.60 -13.73 14.92
N ASP B 179 8.54 -14.51 15.10
CA ASP B 179 8.64 -15.92 15.53
C ASP B 179 8.63 -16.77 14.28
N HIS B 180 9.72 -17.52 14.06
CA HIS B 180 9.98 -18.18 12.78
C HIS B 180 9.72 -19.68 12.92
N TYR B 181 8.95 -20.25 11.99
CA TYR B 181 8.78 -21.70 11.93
C TYR B 181 9.09 -22.14 10.52
N GLN B 182 10.01 -23.11 10.39
CA GLN B 182 10.64 -23.39 9.12
C GLN B 182 10.73 -24.88 8.93
N GLN B 183 10.52 -25.32 7.69
CA GLN B 183 10.69 -26.71 7.32
C GLN B 183 11.50 -26.76 6.03
N ASN B 184 12.47 -27.66 5.97
CA ASN B 184 13.29 -27.86 4.79
C ASN B 184 13.14 -29.31 4.34
N THR B 185 12.82 -29.50 3.08
CA THR B 185 12.66 -30.84 2.54
C THR B 185 13.44 -30.93 1.24
N PRO B 186 14.12 -32.05 0.99
CA PRO B 186 14.96 -32.13 -0.21
C PRO B 186 14.12 -32.17 -1.48
N ILE B 187 14.65 -31.54 -2.52
CA ILE B 187 14.01 -31.60 -3.83
C ILE B 187 14.34 -32.92 -4.52
N GLY B 188 15.60 -33.30 -4.55
CA GLY B 188 15.96 -34.60 -5.09
C GLY B 188 15.39 -35.73 -4.25
N ASP B 189 15.59 -36.96 -4.75
CA ASP B 189 15.25 -38.15 -3.98
C ASP B 189 16.50 -38.89 -3.49
N GLY B 190 17.69 -38.35 -3.75
CA GLY B 190 18.91 -38.90 -3.21
C GLY B 190 18.88 -38.85 -1.70
N PRO B 191 19.85 -39.51 -1.06
CA PRO B 191 19.86 -39.53 0.41
C PRO B 191 20.44 -38.24 0.97
N VAL B 192 19.87 -37.81 2.08
CA VAL B 192 20.31 -36.60 2.79
C VAL B 192 20.67 -36.97 4.22
N LEU B 193 21.37 -36.06 4.88
CA LEU B 193 21.76 -36.26 6.28
C LEU B 193 20.65 -35.70 7.17
N LEU B 194 20.09 -36.56 8.02
CA LEU B 194 19.09 -36.13 9.01
C LEU B 194 19.82 -35.90 10.32
N PRO B 195 19.93 -34.67 10.80
CA PRO B 195 20.84 -34.38 11.90
C PRO B 195 20.24 -34.66 13.28
N ASP B 196 21.15 -34.84 14.24
CA ASP B 196 20.83 -34.67 15.64
C ASP B 196 20.49 -33.20 15.92
N ASN B 197 19.78 -32.97 17.02
CA ASN B 197 19.45 -31.61 17.44
C ASN B 197 20.71 -30.77 17.55
N HIS B 198 20.66 -29.56 16.99
CA HIS B 198 21.77 -28.63 17.07
C HIS B 198 21.25 -27.24 16.70
N TYR B 199 22.16 -26.29 16.60
CA TYR B 199 21.75 -24.92 16.27
C TYR B 199 22.83 -24.24 15.45
N LEU B 200 22.43 -23.19 14.75
CA LEU B 200 23.33 -22.31 14.01
C LEU B 200 23.40 -20.99 14.76
N SER B 201 24.60 -20.54 15.09
CA SER B 201 24.85 -19.23 15.67
C SER B 201 25.00 -18.28 14.50
N THR B 202 24.05 -17.35 14.38
CA THR B 202 23.92 -16.45 13.25
C THR B 202 24.13 -15.02 13.72
N GLN B 203 24.81 -14.24 12.91
CA GLN B 203 25.08 -12.84 13.12
C GLN B 203 24.99 -12.14 11.77
N SER B 204 24.34 -10.99 11.73
CA SER B 204 24.17 -10.25 10.48
C SER B 204 24.46 -8.77 10.71
N ALA B 205 24.81 -8.10 9.63
CA ALA B 205 25.00 -6.66 9.63
C ALA B 205 24.50 -6.12 8.31
N LEU B 206 23.77 -5.00 8.40
CA LEU B 206 23.15 -4.37 7.25
C LEU B 206 23.80 -3.00 7.00
N SER B 207 23.91 -2.61 5.76
CA SER B 207 24.47 -1.32 5.41
C SER B 207 23.87 -0.86 4.11
N LYS B 208 24.28 0.36 3.69
CA LYS B 208 23.82 0.95 2.46
C LYS B 208 25.04 1.20 1.59
N ASP B 209 24.81 1.10 0.28
CA ASP B 209 25.82 1.42 -0.72
C ASP B 209 25.57 2.86 -1.12
N PRO B 210 26.46 3.80 -0.76
CA PRO B 210 26.16 5.23 -1.03
C PRO B 210 25.99 5.57 -2.51
N ASN B 211 26.39 4.69 -3.40
CA ASN B 211 26.22 4.94 -4.84
C ASN B 211 25.05 4.19 -5.44
N GLU B 212 24.33 3.40 -4.65
CA GLU B 212 23.16 2.68 -5.15
C GLU B 212 21.96 3.60 -5.06
N LYS B 213 21.39 3.96 -6.22
CA LYS B 213 20.27 4.87 -6.28
C LYS B 213 18.92 4.18 -6.02
N ARG B 214 18.83 2.86 -6.25
CA ARG B 214 17.57 2.14 -6.05
C ARG B 214 17.45 1.76 -4.57
N ASP B 215 16.23 1.49 -4.13
CA ASP B 215 15.96 1.00 -2.80
C ASP B 215 16.64 -0.37 -2.64
N HIS B 216 17.44 -0.51 -1.59
CA HIS B 216 18.39 -1.62 -1.57
C HIS B 216 18.81 -1.94 -0.14
N MET B 217 19.45 -3.10 0.01
CA MET B 217 20.10 -3.51 1.24
C MET B 217 21.39 -4.24 0.93
N VAL B 218 22.42 -3.93 1.70
CA VAL B 218 23.63 -4.74 1.72
C VAL B 218 23.59 -5.57 2.99
N LEU B 219 23.76 -6.90 2.83
CA LEU B 219 23.70 -7.84 3.93
C LEU B 219 24.98 -8.66 4.04
N LEU B 220 25.54 -8.70 5.23
CA LEU B 220 26.61 -9.60 5.59
C LEU B 220 26.07 -10.53 6.66
N GLU B 221 26.32 -11.83 6.50
CA GLU B 221 25.91 -12.83 7.49
C GLU B 221 27.08 -13.73 7.82
N PHE B 222 27.24 -14.04 9.11
CA PHE B 222 28.16 -15.07 9.59
C PHE B 222 27.34 -16.13 10.30
N VAL B 223 27.55 -17.39 9.93
CA VAL B 223 26.74 -18.50 10.45
C VAL B 223 27.65 -19.69 10.72
N THR B 224 27.71 -20.11 11.97
CA THR B 224 28.49 -21.28 12.39
C THR B 224 27.59 -22.26 13.13
N ALA B 225 27.72 -23.55 12.83
CA ALA B 225 26.92 -24.55 13.52
C ALA B 225 27.61 -24.94 14.83
N ALA B 226 26.78 -25.26 15.83
CA ALA B 226 27.28 -25.70 17.12
C ALA B 226 26.20 -26.56 17.79
N GLY B 227 26.47 -26.94 19.05
CA GLY B 227 25.47 -27.62 19.85
C GLY B 227 25.59 -29.12 19.92
N ILE B 228 26.68 -29.67 19.39
CA ILE B 228 26.95 -31.10 19.41
C ILE B 228 28.42 -31.24 19.81
N THR B 229 28.66 -31.87 20.95
CA THR B 229 30.01 -31.98 21.49
C THR B 229 30.80 -33.05 20.77
N HIS B 230 32.04 -32.72 20.40
CA HIS B 230 32.93 -33.59 19.64
C HIS B 230 32.70 -35.08 19.91
N ALA C 4 35.14 -14.77 -19.80
CA ALA C 4 35.82 -13.74 -19.00
C ALA C 4 35.61 -12.33 -19.59
N GLN C 5 36.55 -11.89 -20.44
CA GLN C 5 36.62 -10.49 -20.85
C GLN C 5 35.58 -10.15 -21.93
N VAL C 6 35.22 -8.87 -21.99
CA VAL C 6 34.22 -8.37 -22.92
C VAL C 6 34.53 -6.90 -23.19
N GLN C 7 34.47 -6.51 -24.47
CA GLN C 7 34.83 -5.16 -24.91
C GLN C 7 33.58 -4.41 -25.36
N LEU C 8 33.55 -3.12 -25.03
CA LEU C 8 32.38 -2.28 -25.32
C LEU C 8 32.78 -1.15 -26.25
N VAL C 9 32.05 -0.99 -27.34
CA VAL C 9 32.37 -0.05 -28.40
C VAL C 9 31.23 0.95 -28.49
N GLU C 10 31.52 2.22 -28.20
CA GLU C 10 30.53 3.28 -28.22
C GLU C 10 30.50 3.98 -29.58
N SER C 11 29.34 4.54 -29.91
CA SER C 11 29.24 5.39 -31.08
C SER C 11 28.13 6.40 -30.81
N GLY C 12 28.02 7.39 -31.69
CA GLY C 12 27.01 8.45 -31.53
C GLY C 12 27.51 9.55 -30.60
N GLY C 13 26.54 10.31 -30.07
CA GLY C 13 26.86 11.51 -29.32
C GLY C 13 27.34 12.62 -30.24
N GLY C 14 28.17 13.52 -29.67
CA GLY C 14 28.65 14.69 -30.41
C GLY C 14 28.07 16.01 -29.92
N LEU C 15 27.85 16.94 -30.84
CA LEU C 15 27.44 18.30 -30.52
C LEU C 15 25.97 18.49 -30.86
N VAL C 16 25.22 19.06 -29.93
CA VAL C 16 23.82 19.46 -30.12
C VAL C 16 23.58 20.76 -29.36
N GLN C 17 22.46 21.41 -29.64
CA GLN C 17 22.04 22.57 -28.87
C GLN C 17 20.78 22.24 -28.10
N ALA C 18 20.48 23.09 -27.10
CA ALA C 18 19.35 22.86 -26.21
C ALA C 18 18.11 22.42 -26.98
N GLY C 19 17.25 21.63 -26.33
CA GLY C 19 16.02 21.20 -26.93
C GLY C 19 16.15 20.08 -27.93
N GLY C 20 17.32 19.91 -28.53
CA GLY C 20 17.52 18.88 -29.51
C GLY C 20 17.45 17.47 -28.93
N SER C 21 17.82 16.52 -29.78
CA SER C 21 17.87 15.11 -29.43
C SER C 21 19.20 14.53 -29.90
N LEU C 22 19.67 13.53 -29.19
CA LEU C 22 20.89 12.83 -29.57
C LEU C 22 20.74 11.35 -29.21
N ARG C 23 21.54 10.55 -29.88
CA ARG C 23 21.51 9.10 -29.82
C ARG C 23 22.88 8.58 -29.49
N LEU C 24 22.90 7.58 -28.64
CA LEU C 24 24.12 6.87 -28.30
C LEU C 24 23.87 5.38 -28.53
N SER C 25 24.92 4.66 -28.91
CA SER C 25 24.80 3.23 -29.05
C SER C 25 26.07 2.56 -28.57
N CYS C 26 25.91 1.33 -28.09
CA CYS C 26 27.01 0.56 -27.55
C CYS C 26 26.91 -0.86 -28.09
N ALA C 27 28.05 -1.39 -28.53
CA ALA C 27 28.13 -2.74 -29.07
C ALA C 27 29.10 -3.54 -28.22
N ALA C 28 28.64 -4.69 -27.73
CA ALA C 28 29.46 -5.56 -26.89
C ALA C 28 30.10 -6.68 -27.71
N SER C 29 31.36 -6.97 -27.40
CA SER C 29 32.06 -8.03 -28.10
C SER C 29 31.37 -9.39 -27.91
N GLY C 30 30.91 -9.67 -26.70
CA GLY C 30 30.20 -10.90 -26.42
C GLY C 30 28.93 -10.63 -25.64
N PRO C 31 28.21 -11.68 -25.25
CA PRO C 31 26.98 -11.45 -24.47
C PRO C 31 27.32 -11.08 -23.03
N THR C 32 26.40 -10.37 -22.39
CA THR C 32 26.64 -9.81 -21.08
C THR C 32 25.33 -9.78 -20.32
N GLY C 33 25.43 -9.33 -19.05
CA GLY C 33 24.25 -9.21 -18.22
C GLY C 33 23.65 -7.83 -18.31
N ALA C 34 23.40 -7.19 -17.16
CA ALA C 34 22.89 -5.83 -17.17
C ALA C 34 23.80 -4.92 -18.01
N MET C 35 23.17 -4.04 -18.78
CA MET C 35 23.86 -3.01 -19.54
C MET C 35 23.28 -1.67 -19.14
N ALA C 36 24.16 -0.67 -19.06
CA ALA C 36 23.72 0.65 -18.61
C ALA C 36 24.57 1.72 -19.28
N TRP C 37 24.04 2.96 -19.23
CA TRP C 37 24.77 4.16 -19.59
C TRP C 37 24.99 4.99 -18.34
N PHE C 38 26.23 5.45 -18.15
CA PHE C 38 26.60 6.43 -17.14
C PHE C 38 27.02 7.71 -17.84
N ARG C 39 27.10 8.79 -17.08
CA ARG C 39 27.73 10.02 -17.56
C ARG C 39 28.57 10.65 -16.44
N GLN C 40 29.58 11.41 -16.85
CA GLN C 40 30.50 12.11 -15.96
C GLN C 40 30.62 13.54 -16.48
N ALA C 41 29.90 14.47 -15.85
CA ALA C 41 30.06 15.90 -16.15
C ALA C 41 31.50 16.32 -15.85
N PRO C 42 31.94 17.47 -16.38
CA PRO C 42 33.40 17.71 -16.54
C PRO C 42 34.27 17.40 -15.32
N GLY C 43 33.91 17.87 -14.12
CA GLY C 43 34.68 17.51 -12.95
C GLY C 43 33.88 16.75 -11.90
N MET C 44 32.68 16.31 -12.27
CA MET C 44 31.77 15.66 -11.35
C MET C 44 32.06 14.16 -11.30
N GLU C 45 31.23 13.43 -10.57
CA GLU C 45 31.39 11.99 -10.42
C GLU C 45 30.50 11.29 -11.43
N ARG C 46 30.94 10.11 -11.87
CA ARG C 46 30.15 9.29 -12.77
C ARG C 46 28.82 8.94 -12.12
N GLU C 47 27.71 9.27 -12.80
CA GLU C 47 26.38 8.98 -12.33
C GLU C 47 25.63 8.10 -13.32
N PHE C 48 24.78 7.24 -12.77
CA PHE C 48 23.94 6.34 -13.54
C PHE C 48 22.87 7.13 -14.29
N VAL C 49 22.63 6.75 -15.53
CA VAL C 49 21.63 7.35 -16.38
C VAL C 49 20.44 6.41 -16.60
N GLY C 50 20.70 5.25 -17.21
CA GLY C 50 19.64 4.29 -17.47
C GLY C 50 20.22 2.99 -17.94
N GLY C 51 19.47 1.91 -17.72
CA GLY C 51 19.97 0.61 -18.14
C GLY C 51 18.88 -0.45 -18.11
N ILE C 52 19.30 -1.66 -18.47
CA ILE C 52 18.41 -2.80 -18.69
C ILE C 52 19.06 -4.04 -18.09
N SER C 53 18.29 -4.80 -17.29
CA SER C 53 18.85 -6.01 -16.71
C SER C 53 19.19 -7.02 -17.79
N GLY C 54 20.06 -7.96 -17.44
CA GLY C 54 20.44 -9.01 -18.39
C GLY C 54 19.24 -9.75 -18.96
N SER C 55 18.17 -9.85 -18.19
CA SER C 55 16.93 -10.50 -18.60
C SER C 55 15.94 -9.56 -19.24
N GLU C 56 16.24 -8.27 -19.30
CA GLU C 56 15.37 -7.26 -19.89
C GLU C 56 14.05 -7.08 -19.16
N THR C 57 13.84 -7.81 -18.07
CA THR C 57 12.60 -7.63 -17.32
C THR C 57 12.62 -6.41 -16.41
N ASP C 58 13.79 -5.81 -16.20
CA ASP C 58 13.95 -4.69 -15.28
C ASP C 58 14.59 -3.52 -16.04
N THR C 59 13.89 -2.39 -16.07
CA THR C 59 14.37 -1.16 -16.66
C THR C 59 14.36 -0.09 -15.59
N TYR C 60 15.45 0.67 -15.49
CA TYR C 60 15.52 1.72 -14.49
C TYR C 60 16.19 2.94 -15.09
N TYR C 61 15.66 4.12 -14.78
CA TYR C 61 16.21 5.41 -15.19
C TYR C 61 16.36 6.29 -13.98
N ALA C 62 17.45 7.07 -13.95
CA ALA C 62 17.69 7.95 -12.82
C ALA C 62 16.56 8.97 -12.68
N ASP C 63 16.56 9.68 -11.54
CA ASP C 63 15.50 10.64 -11.28
C ASP C 63 15.56 11.80 -12.28
N PHE C 64 16.75 12.27 -12.60
CA PHE C 64 16.92 13.44 -13.46
C PHE C 64 16.62 13.16 -14.93
N VAL C 65 16.50 11.90 -15.33
CA VAL C 65 16.30 11.57 -16.72
C VAL C 65 14.81 11.49 -16.98
N LYS C 66 14.02 11.98 -16.02
CA LYS C 66 12.57 12.08 -16.12
C LYS C 66 11.99 10.98 -17.00
N GLY C 67 11.25 11.39 -18.03
CA GLY C 67 10.77 10.46 -19.03
C GLY C 67 11.34 10.81 -20.40
N ARG C 68 12.40 11.62 -20.39
CA ARG C 68 12.99 12.08 -21.63
C ARG C 68 13.79 11.02 -22.38
N LEU C 69 14.08 9.88 -21.77
CA LEU C 69 15.02 8.94 -22.36
C LEU C 69 14.46 7.53 -22.49
N THR C 70 15.09 6.78 -23.38
CA THR C 70 14.71 5.41 -23.69
C THR C 70 15.98 4.62 -23.89
N VAL C 71 16.10 3.51 -23.17
CA VAL C 71 17.13 2.53 -23.44
C VAL C 71 16.44 1.29 -23.97
N ASP C 72 17.03 0.69 -25.01
CA ASP C 72 16.60 -0.62 -25.49
C ASP C 72 17.83 -1.47 -25.68
N ARG C 73 17.63 -2.76 -25.84
CA ARG C 73 18.72 -3.73 -25.83
C ARG C 73 18.46 -4.81 -26.87
N ASP C 74 19.52 -5.48 -27.27
CA ASP C 74 19.48 -6.48 -28.32
C ASP C 74 20.48 -7.58 -27.95
N ASN C 75 19.97 -8.67 -27.36
CA ASN C 75 20.85 -9.76 -26.94
C ASN C 75 21.39 -10.56 -28.11
N VAL C 76 20.82 -10.38 -29.31
CA VAL C 76 21.38 -11.02 -30.50
C VAL C 76 22.64 -10.28 -30.96
N LYS C 77 22.51 -8.96 -31.18
CA LYS C 77 23.65 -8.14 -31.52
C LYS C 77 24.50 -7.76 -30.31
N ASN C 78 24.00 -7.99 -29.08
CA ASN C 78 24.72 -7.61 -27.87
C ASN C 78 24.93 -6.09 -27.85
N THR C 79 23.81 -5.38 -27.91
CA THR C 79 23.79 -3.94 -28.09
C THR C 79 22.82 -3.30 -27.12
N VAL C 80 23.22 -2.14 -26.57
CA VAL C 80 22.34 -1.27 -25.81
C VAL C 80 22.39 0.13 -26.44
N ASP C 81 21.23 0.74 -26.61
CA ASP C 81 21.10 2.03 -27.27
C ASP C 81 20.48 3.01 -26.31
N LEU C 82 20.79 4.28 -26.48
CA LEU C 82 20.23 5.35 -25.68
C LEU C 82 19.76 6.48 -26.62
N GLN C 83 18.58 7.03 -26.35
CA GLN C 83 18.02 8.14 -27.08
C GLN C 83 17.59 9.21 -26.08
N MET C 84 18.00 10.45 -26.32
CA MET C 84 17.74 11.55 -25.41
C MET C 84 16.98 12.64 -26.14
N ASN C 85 15.96 13.17 -25.46
CA ASN C 85 15.13 14.27 -25.98
C ASN C 85 15.23 15.46 -25.05
N SER C 86 14.82 16.62 -25.54
CA SER C 86 14.74 17.83 -24.75
C SER C 86 16.05 18.08 -24.00
N LEU C 87 17.15 18.01 -24.73
CA LEU C 87 18.45 18.10 -24.11
C LEU C 87 18.64 19.47 -23.49
N LYS C 88 19.23 19.49 -22.31
CA LYS C 88 19.59 20.70 -21.60
C LYS C 88 21.10 20.81 -21.53
N PRO C 89 21.65 22.01 -21.33
CA PRO C 89 23.13 22.14 -21.27
C PRO C 89 23.74 21.44 -20.06
N GLU C 90 22.95 21.14 -19.03
CA GLU C 90 23.43 20.31 -17.93
C GLU C 90 23.61 18.86 -18.35
N ASP C 91 23.06 18.46 -19.51
CA ASP C 91 23.27 17.11 -20.03
C ASP C 91 24.65 16.95 -20.64
N THR C 92 25.39 18.03 -20.81
CA THR C 92 26.76 17.94 -21.29
C THR C 92 27.59 17.07 -20.37
N ALA C 93 28.28 16.09 -20.96
CA ALA C 93 29.08 15.16 -20.17
C ALA C 93 29.73 14.15 -21.09
N VAL C 94 30.64 13.37 -20.53
CA VAL C 94 31.20 12.19 -21.19
C VAL C 94 30.33 11.01 -20.80
N TYR C 95 29.63 10.42 -21.78
CA TYR C 95 28.75 9.28 -21.52
C TYR C 95 29.51 7.96 -21.70
N TYR C 96 29.33 7.04 -20.75
CA TYR C 96 30.00 5.75 -20.78
C TYR C 96 28.97 4.62 -20.87
N CYS C 97 29.20 3.70 -21.78
CA CYS C 97 28.49 2.43 -21.77
C CYS C 97 29.14 1.53 -20.72
N ALA C 98 28.30 0.76 -20.01
CA ALA C 98 28.79 -0.14 -18.98
C ALA C 98 27.98 -1.43 -19.01
N ALA C 99 28.63 -2.51 -18.64
CA ALA C 99 27.99 -3.81 -18.57
C ALA C 99 28.60 -4.62 -17.44
N ARG C 100 27.83 -5.55 -16.91
CA ARG C 100 28.34 -6.50 -15.93
C ARG C 100 28.06 -7.93 -16.42
N ARG C 101 28.88 -8.87 -15.94
CA ARG C 101 28.64 -10.29 -16.25
C ARG C 101 27.29 -10.75 -15.74
N ARG C 102 26.94 -10.37 -14.51
CA ARG C 102 25.74 -10.88 -13.86
C ARG C 102 24.55 -10.06 -14.31
N VAL C 103 23.34 -10.54 -13.95
CA VAL C 103 22.12 -10.06 -14.59
C VAL C 103 21.46 -8.83 -13.94
N THR C 104 21.68 -8.60 -12.66
CA THR C 104 20.90 -7.61 -11.92
C THR C 104 21.32 -6.16 -12.26
N LEU C 105 20.33 -5.30 -12.39
CA LEU C 105 20.56 -3.90 -12.71
C LEU C 105 20.78 -3.07 -11.45
N PHE C 106 21.95 -3.29 -10.83
CA PHE C 106 22.49 -2.37 -9.85
C PHE C 106 22.85 -1.06 -10.54
N THR C 107 23.07 -0.03 -9.75
CA THR C 107 23.34 1.28 -10.35
C THR C 107 24.64 1.93 -9.91
N SER C 108 25.37 1.32 -8.96
CA SER C 108 26.69 1.80 -8.58
C SER C 108 27.72 1.44 -9.63
N ARG C 109 28.60 2.38 -9.96
CA ARG C 109 29.66 2.09 -10.93
C ARG C 109 30.52 0.92 -10.51
N ALA C 110 30.72 0.71 -9.20
CA ALA C 110 31.55 -0.40 -8.75
C ALA C 110 30.94 -1.76 -9.06
N ASP C 111 29.65 -1.82 -9.34
CA ASP C 111 29.05 -3.11 -9.67
C ASP C 111 29.22 -3.51 -11.13
N TYR C 112 29.76 -2.63 -11.96
CA TYR C 112 29.93 -2.91 -13.38
C TYR C 112 31.37 -3.34 -13.69
N ASP C 113 31.50 -4.33 -14.58
CA ASP C 113 32.76 -4.96 -14.90
C ASP C 113 33.41 -4.42 -16.16
N PHE C 114 32.62 -4.00 -17.13
CA PHE C 114 33.12 -3.61 -18.43
C PHE C 114 32.62 -2.21 -18.77
N TRP C 115 33.52 -1.39 -19.31
CA TRP C 115 33.21 -0.02 -19.64
C TRP C 115 33.64 0.32 -21.06
N GLY C 116 32.84 1.15 -21.74
CA GLY C 116 33.34 1.84 -22.90
C GLY C 116 34.33 2.88 -22.44
N GLN C 117 35.01 3.51 -23.40
CA GLN C 117 36.10 4.42 -23.06
C GLN C 117 35.63 5.87 -23.05
N GLY C 118 34.35 6.12 -23.36
CA GLY C 118 33.76 7.42 -23.17
C GLY C 118 33.48 8.21 -24.44
N THR C 119 32.25 8.72 -24.54
CA THR C 119 31.76 9.45 -25.70
C THR C 119 31.26 10.84 -25.30
N GLN C 120 31.82 11.86 -25.91
CA GLN C 120 31.48 13.22 -25.54
C GLN C 120 30.12 13.60 -26.07
N VAL C 121 29.32 14.24 -25.23
CA VAL C 121 28.06 14.87 -25.59
C VAL C 121 28.11 16.33 -25.12
N THR C 122 27.86 17.25 -26.04
CA THR C 122 27.90 18.68 -25.75
C THR C 122 26.63 19.32 -26.24
N VAL C 123 25.85 19.88 -25.32
CA VAL C 123 24.62 20.56 -25.68
C VAL C 123 24.84 22.07 -25.88
N GLN D 5 -36.81 12.40 20.71
CA GLN D 5 -35.94 12.60 21.88
C GLN D 5 -35.48 11.24 22.41
N VAL D 6 -34.32 11.23 23.05
CA VAL D 6 -33.74 10.01 23.62
C VAL D 6 -32.82 10.42 24.76
N GLN D 7 -32.94 9.71 25.90
CA GLN D 7 -32.22 10.08 27.12
C GLN D 7 -31.14 9.06 27.41
N LEU D 8 -30.01 9.56 27.89
CA LEU D 8 -28.84 8.73 28.18
C LEU D 8 -28.56 8.83 29.68
N VAL D 9 -28.45 7.68 30.31
CA VAL D 9 -28.30 7.61 31.76
C VAL D 9 -26.94 7.01 32.04
N GLU D 10 -26.06 7.80 32.65
CA GLU D 10 -24.71 7.40 32.95
C GLU D 10 -24.63 6.79 34.35
N SER D 11 -23.66 5.89 34.54
CA SER D 11 -23.35 5.38 35.86
C SER D 11 -21.87 5.03 35.85
N GLY D 12 -21.34 4.73 37.05
CA GLY D 12 -19.93 4.40 37.20
C GLY D 12 -19.08 5.65 37.38
N GLY D 13 -17.78 5.49 37.12
CA GLY D 13 -16.82 6.54 37.40
C GLY D 13 -16.55 6.67 38.90
N GLY D 14 -16.17 7.89 39.30
CA GLY D 14 -15.79 8.16 40.70
C GLY D 14 -14.31 8.43 40.91
N LEU D 15 -13.78 8.00 42.05
CA LEU D 15 -12.43 8.34 42.48
C LEU D 15 -11.53 7.12 42.36
N VAL D 16 -10.37 7.30 41.75
CA VAL D 16 -9.27 6.32 41.71
C VAL D 16 -7.94 7.07 41.74
N GLN D 17 -6.86 6.33 41.96
CA GLN D 17 -5.51 6.87 41.81
C GLN D 17 -4.81 6.16 40.67
N ALA D 18 -3.68 6.76 40.24
CA ALA D 18 -2.94 6.29 39.08
C ALA D 18 -2.84 4.76 39.04
N GLY D 19 -2.74 4.21 37.84
CA GLY D 19 -2.59 2.79 37.65
C GLY D 19 -3.85 1.98 37.79
N GLY D 20 -4.84 2.50 38.51
CA GLY D 20 -6.07 1.76 38.71
C GLY D 20 -6.86 1.59 37.42
N SER D 21 -8.07 1.08 37.60
CA SER D 21 -9.01 0.87 36.51
C SER D 21 -10.38 1.41 36.92
N LEU D 22 -11.15 1.86 35.93
CA LEU D 22 -12.51 2.30 36.18
C LEU D 22 -13.43 1.93 35.02
N ARG D 23 -14.71 1.89 35.33
CA ARG D 23 -15.75 1.46 34.43
C ARG D 23 -16.81 2.54 34.38
N LEU D 24 -17.31 2.77 33.19
CA LEU D 24 -18.43 3.66 32.99
C LEU D 24 -19.48 2.90 32.20
N SER D 25 -20.73 3.23 32.41
CA SER D 25 -21.78 2.63 31.63
C SER D 25 -22.84 3.65 31.30
N CYS D 26 -23.50 3.42 30.17
CA CYS D 26 -24.53 4.33 29.68
C CYS D 26 -25.68 3.50 29.17
N ALA D 27 -26.89 3.88 29.56
CA ALA D 27 -28.10 3.19 29.15
C ALA D 27 -28.99 4.19 28.43
N ALA D 28 -29.41 3.83 27.23
CA ALA D 28 -30.25 4.71 26.41
C ALA D 28 -31.72 4.35 26.57
N SER D 29 -32.55 5.39 26.64
CA SER D 29 -33.99 5.18 26.77
C SER D 29 -34.53 4.33 25.63
N GLY D 30 -34.04 4.56 24.40
CA GLY D 30 -34.44 3.79 23.26
C GLY D 30 -33.26 3.33 22.42
N PRO D 31 -33.53 2.69 21.28
CA PRO D 31 -32.43 2.29 20.40
C PRO D 31 -31.86 3.48 19.65
N THR D 32 -30.59 3.35 19.27
CA THR D 32 -29.89 4.48 18.69
C THR D 32 -28.85 3.98 17.70
N GLY D 33 -28.16 4.94 17.06
CA GLY D 33 -27.11 4.63 16.13
C GLY D 33 -25.75 4.59 16.81
N ALA D 34 -24.77 5.30 16.26
CA ALA D 34 -23.45 5.36 16.88
C ALA D 34 -23.55 5.82 18.34
N MET D 35 -22.78 5.18 19.20
CA MET D 35 -22.66 5.56 20.60
C MET D 35 -21.19 5.76 20.92
N ALA D 36 -20.92 6.77 21.74
CA ALA D 36 -19.55 7.10 22.06
C ALA D 36 -19.45 7.69 23.46
N TRP D 37 -18.23 7.70 23.99
CA TRP D 37 -17.87 8.43 25.19
C TRP D 37 -16.96 9.58 24.80
N PHE D 38 -17.26 10.76 25.33
CA PHE D 38 -16.38 11.91 25.28
C PHE D 38 -15.93 12.20 26.71
N ARG D 39 -14.90 13.03 26.82
CA ARG D 39 -14.49 13.58 28.12
C ARG D 39 -14.12 15.05 27.96
N GLN D 40 -14.27 15.78 29.06
CA GLN D 40 -13.94 17.20 29.14
C GLN D 40 -13.16 17.47 30.42
N ALA D 41 -11.84 17.62 30.29
CA ALA D 41 -11.02 18.08 31.42
C ALA D 41 -11.49 19.47 31.87
N PRO D 42 -11.08 19.90 33.09
CA PRO D 42 -11.87 20.95 33.80
C PRO D 42 -12.24 22.19 32.97
N GLY D 43 -11.27 22.81 32.30
CA GLY D 43 -11.55 23.96 31.45
C GLY D 43 -11.20 23.74 29.98
N MET D 44 -10.94 22.49 29.58
CA MET D 44 -10.53 22.16 28.23
C MET D 44 -11.78 21.89 27.40
N GLU D 45 -11.58 21.47 26.16
CA GLU D 45 -12.68 21.22 25.24
C GLU D 45 -13.03 19.72 25.26
N ARG D 46 -14.31 19.42 25.04
CA ARG D 46 -14.78 18.05 24.96
C ARG D 46 -14.10 17.32 23.81
N GLU D 47 -13.44 16.21 24.12
CA GLU D 47 -12.76 15.41 23.13
C GLU D 47 -13.33 13.98 23.11
N PHE D 48 -13.35 13.41 21.92
CA PHE D 48 -13.80 12.05 21.70
C PHE D 48 -12.83 11.06 22.33
N VAL D 49 -13.39 10.03 22.98
CA VAL D 49 -12.60 8.99 23.63
C VAL D 49 -12.70 7.67 22.84
N GLY D 50 -13.90 7.12 22.71
CA GLY D 50 -14.08 5.89 21.98
C GLY D 50 -15.55 5.66 21.75
N GLY D 51 -15.84 4.88 20.69
CA GLY D 51 -17.23 4.61 20.39
C GLY D 51 -17.39 3.48 19.40
N ILE D 52 -18.66 3.20 19.10
CA ILE D 52 -19.08 2.05 18.30
C ILE D 52 -20.19 2.48 17.37
N SER D 53 -20.05 2.16 16.07
CA SER D 53 -21.09 2.53 15.12
C SER D 53 -22.39 1.82 15.45
N GLY D 54 -23.49 2.38 14.95
CA GLY D 54 -24.80 1.74 15.15
C GLY D 54 -24.83 0.28 14.71
N SER D 55 -24.03 -0.07 13.72
CA SER D 55 -23.93 -1.41 13.20
C SER D 55 -22.85 -2.24 13.89
N GLU D 56 -22.10 -1.65 14.81
CA GLU D 56 -21.08 -2.37 15.56
C GLU D 56 -19.93 -2.89 14.70
N THR D 57 -19.98 -2.63 13.39
CA THR D 57 -18.89 -3.05 12.51
C THR D 57 -17.70 -2.11 12.53
N ASP D 58 -17.85 -0.91 13.12
CA ASP D 58 -16.80 0.11 13.15
C ASP D 58 -16.56 0.49 14.60
N THR D 59 -15.33 0.32 15.06
CA THR D 59 -14.89 0.73 16.39
C THR D 59 -13.74 1.70 16.23
N TYR D 60 -13.78 2.79 16.99
CA TYR D 60 -12.69 3.76 16.91
C TYR D 60 -12.36 4.30 18.30
N TYR D 61 -11.05 4.41 18.56
CA TYR D 61 -10.53 4.98 19.79
C TYR D 61 -9.57 6.09 19.45
N ALA D 62 -9.60 7.16 20.25
CA ALA D 62 -8.71 8.28 20.05
C ALA D 62 -7.24 7.85 20.17
N ASP D 63 -6.33 8.75 19.80
CA ASP D 63 -4.91 8.43 19.89
C ASP D 63 -4.46 8.22 21.34
N PHE D 64 -4.94 9.06 22.27
CA PHE D 64 -4.50 9.00 23.65
C PHE D 64 -5.04 7.79 24.39
N VAL D 65 -6.00 7.09 23.81
CA VAL D 65 -6.63 5.96 24.48
C VAL D 65 -5.96 4.67 24.05
N LYS D 66 -4.81 4.81 23.37
CA LYS D 66 -3.96 3.71 22.92
C LYS D 66 -4.71 2.37 22.87
N GLY D 67 -4.27 1.42 23.69
CA GLY D 67 -5.00 0.19 23.87
C GLY D 67 -5.49 0.07 25.30
N ARG D 68 -5.50 1.21 26.01
CA ARG D 68 -5.88 1.23 27.41
C ARG D 68 -7.38 1.07 27.63
N LEU D 69 -8.21 1.20 26.61
CA LEU D 69 -9.65 1.17 26.80
C LEU D 69 -10.35 0.18 25.89
N THR D 70 -11.55 -0.18 26.31
CA THR D 70 -12.40 -1.09 25.56
C THR D 70 -13.82 -0.56 25.68
N VAL D 71 -14.46 -0.37 24.56
CA VAL D 71 -15.87 -0.05 24.53
C VAL D 71 -16.59 -1.26 23.96
N ASP D 72 -17.72 -1.60 24.57
CA ASP D 72 -18.61 -2.62 24.04
C ASP D 72 -20.02 -2.06 24.08
N ARG D 73 -20.92 -2.71 23.37
CA ARG D 73 -22.25 -2.18 23.15
C ARG D 73 -23.26 -3.32 23.21
N ASP D 74 -24.51 -2.96 23.47
CA ASP D 74 -25.58 -3.93 23.65
C ASP D 74 -26.85 -3.34 23.05
N ASN D 75 -27.14 -3.70 21.80
CA ASN D 75 -28.28 -3.11 21.10
C ASN D 75 -29.62 -3.62 21.62
N VAL D 76 -29.62 -4.73 22.36
CA VAL D 76 -30.87 -5.18 22.99
C VAL D 76 -31.16 -4.36 24.25
N LYS D 77 -30.18 -4.25 25.15
CA LYS D 77 -30.31 -3.44 26.34
C LYS D 77 -30.17 -1.94 26.04
N ASN D 78 -29.69 -1.58 24.85
CA ASN D 78 -29.46 -0.18 24.44
C ASN D 78 -28.47 0.50 25.38
N THR D 79 -27.28 -0.11 25.49
CA THR D 79 -26.27 0.36 26.42
C THR D 79 -24.90 0.30 25.74
N VAL D 80 -24.06 1.27 26.07
CA VAL D 80 -22.66 1.26 25.70
C VAL D 80 -21.84 1.35 27.00
N ASP D 81 -20.80 0.56 27.09
CA ASP D 81 -19.98 0.46 28.28
C ASP D 81 -18.57 0.86 27.92
N LEU D 82 -17.85 1.39 28.91
CA LEU D 82 -16.45 1.76 28.73
C LEU D 82 -15.68 1.27 29.94
N GLN D 83 -14.49 0.71 29.69
CA GLN D 83 -13.60 0.25 30.74
C GLN D 83 -12.23 0.87 30.52
N MET D 84 -11.66 1.40 31.60
CA MET D 84 -10.41 2.16 31.54
C MET D 84 -9.36 1.45 32.38
N ASN D 85 -8.17 1.29 31.81
CA ASN D 85 -7.05 0.65 32.47
C ASN D 85 -5.88 1.63 32.59
N SER D 86 -4.96 1.30 33.49
CA SER D 86 -3.72 2.05 33.62
C SER D 86 -4.00 3.55 33.68
N LEU D 87 -4.93 3.92 34.54
CA LEU D 87 -5.36 5.30 34.59
C LEU D 87 -4.22 6.21 34.99
N LYS D 88 -4.13 7.35 34.33
CA LYS D 88 -3.17 8.40 34.64
C LYS D 88 -3.93 9.62 35.15
N PRO D 89 -3.27 10.53 35.86
CA PRO D 89 -3.99 11.71 36.36
C PRO D 89 -4.46 12.65 35.26
N GLU D 90 -3.90 12.54 34.05
CA GLU D 90 -4.42 13.28 32.92
C GLU D 90 -5.79 12.76 32.47
N ASP D 91 -6.18 11.56 32.92
CA ASP D 91 -7.51 11.05 32.60
C ASP D 91 -8.60 11.67 33.45
N THR D 92 -8.24 12.44 34.48
CA THR D 92 -9.24 13.14 35.24
C THR D 92 -10.06 14.04 34.33
N ALA D 93 -11.38 13.90 34.40
CA ALA D 93 -12.27 14.67 33.55
C ALA D 93 -13.70 14.28 33.82
N VAL D 94 -14.62 15.06 33.26
CA VAL D 94 -16.03 14.71 33.23
C VAL D 94 -16.30 13.94 31.95
N TYR D 95 -16.69 12.66 32.09
CA TYR D 95 -16.95 11.81 30.93
C TYR D 95 -18.43 11.89 30.54
N TYR D 96 -18.69 12.00 29.24
CA TYR D 96 -20.06 12.11 28.72
C TYR D 96 -20.36 10.94 27.78
N CYS D 97 -21.51 10.33 27.99
CA CYS D 97 -22.07 9.43 27.01
C CYS D 97 -22.72 10.23 25.90
N ALA D 98 -22.59 9.76 24.67
CA ALA D 98 -23.16 10.45 23.52
C ALA D 98 -23.69 9.42 22.52
N ALA D 99 -24.74 9.82 21.82
CA ALA D 99 -25.30 8.93 20.81
C ALA D 99 -25.84 9.76 19.64
N ARG D 100 -25.93 9.11 18.50
CA ARG D 100 -26.51 9.73 17.31
C ARG D 100 -27.72 8.90 16.86
N ARG D 101 -28.68 9.57 16.22
CA ARG D 101 -29.77 8.83 15.57
C ARG D 101 -29.21 7.93 14.47
N ARG D 102 -28.32 8.47 13.64
CA ARG D 102 -27.80 7.76 12.49
C ARG D 102 -26.60 6.91 12.88
N VAL D 103 -26.14 6.10 11.92
CA VAL D 103 -25.27 4.97 12.23
C VAL D 103 -23.77 5.26 12.25
N THR D 104 -23.31 6.27 11.53
CA THR D 104 -21.88 6.43 11.28
C THR D 104 -21.16 6.98 12.52
N LEU D 105 -19.98 6.43 12.79
CA LEU D 105 -19.17 6.84 13.93
C LEU D 105 -18.26 8.01 13.56
N PHE D 106 -18.89 9.18 13.36
CA PHE D 106 -18.18 10.43 13.37
C PHE D 106 -17.64 10.67 14.77
N THR D 107 -16.69 11.61 14.89
CA THR D 107 -16.09 11.88 16.17
C THR D 107 -16.21 13.30 16.67
N SER D 108 -16.77 14.23 15.86
CA SER D 108 -17.03 15.58 16.32
C SER D 108 -18.25 15.62 17.22
N ARG D 109 -18.14 16.37 18.32
CA ARG D 109 -19.29 16.50 19.22
C ARG D 109 -20.52 17.03 18.51
N ALA D 110 -20.33 17.90 17.51
CA ALA D 110 -21.47 18.45 16.79
C ALA D 110 -22.24 17.41 16.03
N ASP D 111 -21.65 16.24 15.75
CA ASP D 111 -22.39 15.21 15.04
C ASP D 111 -23.30 14.40 15.93
N TYR D 112 -23.25 14.61 17.24
CA TYR D 112 -24.01 13.79 18.19
C TYR D 112 -25.27 14.53 18.62
N ASP D 113 -26.37 13.77 18.74
CA ASP D 113 -27.69 14.32 18.99
C ASP D 113 -28.09 14.23 20.45
N PHE D 114 -27.62 13.23 21.17
CA PHE D 114 -28.05 12.95 22.53
C PHE D 114 -26.84 12.87 23.45
N TRP D 115 -26.97 13.47 24.62
CA TRP D 115 -25.89 13.54 25.58
C TRP D 115 -26.36 13.12 26.96
N GLY D 116 -25.50 12.41 27.67
CA GLY D 116 -25.61 12.25 29.11
C GLY D 116 -25.27 13.56 29.80
N GLN D 117 -25.41 13.54 31.13
CA GLN D 117 -25.24 14.74 31.92
C GLN D 117 -23.83 14.93 32.43
N GLY D 118 -22.98 13.91 32.29
CA GLY D 118 -21.59 14.05 32.66
C GLY D 118 -21.28 13.32 33.95
N THR D 119 -20.26 12.49 33.92
CA THR D 119 -19.89 11.66 35.07
C THR D 119 -18.45 11.96 35.44
N GLN D 120 -18.23 12.34 36.68
CA GLN D 120 -16.87 12.71 37.09
C GLN D 120 -15.99 11.50 37.25
N VAL D 121 -14.77 11.60 36.73
CA VAL D 121 -13.70 10.64 36.98
C VAL D 121 -12.50 11.41 37.51
N THR D 122 -11.98 10.99 38.66
CA THR D 122 -10.85 11.64 39.31
C THR D 122 -9.81 10.58 39.60
N VAL D 123 -8.64 10.68 38.96
CA VAL D 123 -7.54 9.76 39.21
C VAL D 123 -6.57 10.27 40.27
#